data_2B7O
#
_entry.id   2B7O
#
_cell.length_a   204.085
_cell.length_b   204.085
_cell.length_c   66.230
_cell.angle_alpha   90.00
_cell.angle_beta   90.00
_cell.angle_gamma   120.00
#
_symmetry.space_group_name_H-M   'P 32 2 1'
#
loop_
_entity.id
_entity.type
_entity.pdbx_description
1 polymer '3-deoxy-D-arabino-heptulosonate 7-phosphate synthase AroG'
2 non-polymer 'MANGANESE (II) ION'
3 non-polymer 'SULFATE ION'
4 non-polymer PHOSPHOENOLPYRUVATE
5 non-polymer 'O-DODECANYL OCTAETHYLENE GLYCOL'
6 water water
#
_entity_poly.entity_id   1
_entity_poly.type   'polypeptide(L)'
_entity_poly.pdbx_seq_one_letter_code
;GA(MSE)NWTVDIPIDQLPSLPPLPTDLRTRLDAALAKPAAQQPTWPADQALA(MSE)RTVLESVPPVTVPSEIVRLQEQ
LAQVAKGEAFLLQGGDCAETF(MSE)DNTEPHIRGNVRALLQ(MSE)AVVLTYGAS(MSE)PVVKVARIAGQYAKPRSAD
IDALGLRSYRGD(MSE)INGFAPDAAAREHDPSRLVRAYANASAA(MSE)NLVRALTSSGLASLHLVHDWNREFVRTSPA
GARYEALATEIDRGLRF(MSE)SACGVADRNLQTAEIYASHEALVLDYERA(MSE)LRLSDGDDGEPQLFDLSAHTVWIG
ERTRQIDGAHIAFAQVIANPVGVKLGPN(MSE)TPELAVEYVERLDPHNKPGRLTLVSR(MSE)GNHKVRDLLPPIVEKV
QATGHQVIWQCDP(MSE)HGNTHESSTGFKTRHFDRIVDEVQGFFEVHRALGTHPGGIHVEITGENVTECLGGAQDISET
DLAGRYETACDPRLNTQQSLELAFLVAE(MSE)LRD
;
_entity_poly.pdbx_strand_id   A,B
#
loop_
_chem_comp.id
_chem_comp.type
_chem_comp.name
_chem_comp.formula
CE1 non-polymer 'O-DODECANYL OCTAETHYLENE GLYCOL' 'C28 H58 O9'
MN non-polymer 'MANGANESE (II) ION' 'Mn 2'
PEP non-polymer PHOSPHOENOLPYRUVATE 'C3 H5 O6 P'
SO4 non-polymer 'SULFATE ION' 'O4 S -2'
#
# COMPACT_ATOMS: atom_id res chain seq x y z
N GLY A 1 1.78 4.77 29.59
CA GLY A 1 2.66 3.64 30.00
C GLY A 1 1.86 2.46 30.53
N ALA A 2 2.38 1.82 31.58
CA ALA A 2 1.73 0.68 32.23
C ALA A 2 0.49 1.10 33.02
N MSE A 3 0.58 2.25 33.71
CA MSE A 3 -0.52 2.74 34.57
C MSE A 3 -1.69 3.25 33.74
O MSE A 3 -2.83 3.30 34.21
CB MSE A 3 -0.04 3.85 35.50
CG MSE A 3 1.15 3.50 36.35
SE MSE A 3 1.14 1.63 36.95
CE MSE A 3 -0.40 1.60 38.17
N ASN A 4 -1.37 3.58 32.49
CA ASN A 4 -2.19 4.42 31.65
C ASN A 4 -3.00 3.73 30.53
N TRP A 5 -2.56 2.54 30.08
CA TRP A 5 -3.13 1.88 28.90
C TRP A 5 -2.88 2.66 27.60
N THR A 6 -1.74 3.34 27.57
CA THR A 6 -1.26 4.09 26.42
C THR A 6 0.15 3.64 26.14
N VAL A 7 0.47 3.55 24.85
CA VAL A 7 1.85 3.37 24.45
C VAL A 7 2.32 4.60 23.66
N ASP A 8 3.55 4.99 23.93
CA ASP A 8 4.18 6.11 23.28
C ASP A 8 5.11 5.58 22.20
N ILE A 9 4.84 5.93 20.95
CA ILE A 9 5.71 5.48 19.88
C ILE A 9 6.64 6.62 19.51
N PRO A 10 7.95 6.47 19.74
CA PRO A 10 8.91 7.51 19.32
C PRO A 10 8.81 7.79 17.83
N ILE A 11 8.93 9.06 17.48
CA ILE A 11 8.99 9.47 16.11
C ILE A 11 10.47 9.65 15.80
N ASP A 12 10.98 8.78 14.93
CA ASP A 12 12.36 8.85 14.50
C ASP A 12 12.65 10.18 13.77
N GLN A 13 13.72 10.84 14.20
CA GLN A 13 14.22 12.05 13.57
C GLN A 13 15.24 11.61 12.54
N LEU A 14 14.86 11.65 11.28
CA LEU A 14 15.70 11.07 10.25
C LEU A 14 16.25 12.14 9.30
N PRO A 15 17.38 11.84 8.64
CA PRO A 15 17.95 12.77 7.65
C PRO A 15 16.93 13.15 6.61
N SER A 16 16.94 14.44 6.29
CA SER A 16 16.09 15.00 5.25
C SER A 16 16.63 14.69 3.86
N LEU A 17 15.70 14.56 2.91
CA LEU A 17 15.99 14.48 1.49
C LEU A 17 16.23 15.92 0.96
N PRO A 18 16.71 16.06 -0.27
CA PRO A 18 16.84 17.42 -0.83
C PRO A 18 15.49 18.17 -0.82
N PRO A 19 15.52 19.48 -0.56
CA PRO A 19 14.28 20.25 -0.50
C PRO A 19 13.60 20.35 -1.89
N LEU A 20 12.32 20.71 -1.92
CA LEU A 20 11.66 21.00 -3.18
C LEU A 20 12.38 22.17 -3.93
N PRO A 21 12.24 22.27 -5.25
CA PRO A 21 13.02 23.35 -5.90
C PRO A 21 12.69 24.78 -5.32
N THR A 22 13.68 25.65 -5.26
CA THR A 22 13.52 27.00 -4.70
C THR A 22 12.35 27.76 -5.35
N ASP A 23 12.18 27.62 -6.67
CA ASP A 23 11.17 28.42 -7.36
C ASP A 23 9.79 27.98 -6.99
N LEU A 24 9.57 26.66 -6.88
CA LEU A 24 8.24 26.17 -6.48
C LEU A 24 7.96 26.53 -5.02
N ARG A 25 8.98 26.41 -4.16
CA ARG A 25 8.87 26.80 -2.74
C ARG A 25 8.52 28.30 -2.56
N THR A 26 9.15 29.16 -3.36
CA THR A 26 8.80 30.59 -3.38
C THR A 26 7.32 30.78 -3.74
N ARG A 27 6.83 30.07 -4.75
CA ARG A 27 5.40 30.15 -5.11
C ARG A 27 4.50 29.65 -3.98
N LEU A 28 4.83 28.50 -3.43
CA LEU A 28 4.08 27.92 -2.30
C LEU A 28 4.04 28.87 -1.09
N ASP A 29 5.19 29.45 -0.71
CA ASP A 29 5.26 30.39 0.42
C ASP A 29 4.34 31.58 0.22
N ALA A 30 4.30 32.13 -0.99
CA ALA A 30 3.39 33.23 -1.29
C ALA A 30 1.94 32.81 -1.12
N ALA A 31 1.60 31.60 -1.61
CA ALA A 31 0.23 31.09 -1.51
C ALA A 31 -0.21 30.87 -0.06
N LEU A 32 0.70 30.36 0.75
CA LEU A 32 0.39 29.99 2.12
C LEU A 32 0.52 31.17 3.09
N ALA A 33 0.99 32.31 2.59
CA ALA A 33 0.90 33.55 3.34
C ALA A 33 -0.54 34.05 3.44
N LYS A 34 -1.46 33.53 2.62
CA LYS A 34 -2.88 33.96 2.72
C LYS A 34 -3.58 33.42 3.97
N PRO A 35 -4.63 34.11 4.45
CA PRO A 35 -5.14 33.56 5.71
C PRO A 35 -5.82 32.22 5.46
N ALA A 36 -5.77 31.34 6.46
CA ALA A 36 -6.39 30.03 6.34
C ALA A 36 -7.41 29.81 7.47
N ALA A 37 -8.67 29.60 7.11
CA ALA A 37 -9.68 29.25 8.08
C ALA A 37 -9.52 27.79 8.59
N GLN A 38 -10.12 27.50 9.76
CA GLN A 38 -10.30 26.15 10.27
C GLN A 38 -8.99 25.41 10.57
N GLN A 39 -7.92 26.15 10.86
CA GLN A 39 -6.61 25.51 11.08
C GLN A 39 -6.43 25.08 12.51
N PRO A 40 -5.71 23.95 12.74
CA PRO A 40 -5.39 23.57 14.13
C PRO A 40 -4.67 24.73 14.86
N THR A 41 -4.73 24.76 16.18
CA THR A 41 -4.14 25.87 16.90
C THR A 41 -2.81 25.48 17.51
N TRP A 42 -2.24 24.36 17.10
CA TRP A 42 -0.93 23.93 17.65
C TRP A 42 0.22 24.91 17.32
N PRO A 43 1.27 24.93 18.15
CA PRO A 43 2.37 25.90 17.88
C PRO A 43 3.13 25.65 16.60
N ALA A 44 3.63 26.74 16.02
CA ALA A 44 4.40 26.73 14.80
C ALA A 44 5.66 25.87 14.86
N ASP A 45 6.32 25.83 16.01
CA ASP A 45 7.57 25.07 16.11
C ASP A 45 7.34 23.54 16.10
N GLN A 46 6.26 23.10 16.75
CA GLN A 46 5.85 21.71 16.73
C GLN A 46 5.34 21.31 15.34
N ALA A 47 4.46 22.13 14.78
CA ALA A 47 3.99 21.95 13.40
C ALA A 47 5.16 21.79 12.41
N LEU A 48 6.14 22.70 12.49
CA LEU A 48 7.31 22.63 11.63
C LEU A 48 8.05 21.30 11.80
N ALA A 49 8.31 20.89 13.04
CA ALA A 49 9.01 19.64 13.29
C ALA A 49 8.27 18.42 12.69
N MSE A 50 6.96 18.35 12.89
CA MSE A 50 6.12 17.27 12.35
C MSE A 50 6.09 17.25 10.80
O MSE A 50 6.20 16.18 10.21
CB MSE A 50 4.71 17.31 12.91
CG MSE A 50 4.65 17.05 14.41
SE MSE A 50 5.66 15.47 15.10
CE MSE A 50 4.20 14.25 15.38
N ARG A 51 5.94 18.42 10.18
CA ARG A 51 6.03 18.55 8.73
C ARG A 51 7.33 18.04 8.14
N THR A 52 8.43 18.38 8.79
CA THR A 52 9.74 17.94 8.38
C THR A 52 9.85 16.41 8.37
N VAL A 53 9.32 15.76 9.40
CA VAL A 53 9.25 14.29 9.43
C VAL A 53 8.56 13.82 8.13
N LEU A 54 7.41 14.40 7.84
CA LEU A 54 6.59 13.95 6.72
C LEU A 54 7.12 14.32 5.30
N GLU A 55 8.13 15.20 5.22
CA GLU A 55 8.68 15.61 3.93
C GLU A 55 9.48 14.54 3.25
N SER A 56 9.91 13.52 4.00
CA SER A 56 10.76 12.49 3.43
C SER A 56 10.18 11.08 3.42
N VAL A 57 8.97 10.90 3.93
CA VAL A 57 8.32 9.60 3.96
C VAL A 57 7.84 9.18 2.55
N PRO A 58 7.73 7.85 2.29
CA PRO A 58 7.18 7.42 1.01
C PRO A 58 5.78 7.98 0.80
N PRO A 59 5.47 8.37 -0.45
CA PRO A 59 4.23 9.12 -0.66
C PRO A 59 3.06 8.12 -0.52
N VAL A 60 1.83 8.61 -0.40
CA VAL A 60 0.66 7.73 -0.38
C VAL A 60 0.21 7.33 -1.81
N THR A 61 0.30 8.29 -2.73
CA THR A 61 0.01 8.07 -4.13
C THR A 61 1.23 8.48 -4.98
N VAL A 62 1.21 8.21 -6.28
CA VAL A 62 2.30 8.64 -7.16
C VAL A 62 1.77 9.45 -8.34
N PRO A 63 2.61 10.34 -8.88
CA PRO A 63 2.19 11.30 -9.92
C PRO A 63 1.49 10.64 -11.11
N SER A 64 1.99 9.50 -11.59
CA SER A 64 1.35 8.82 -12.72
C SER A 64 -0.09 8.36 -12.47
N GLU A 65 -0.43 7.97 -11.24
CA GLU A 65 -1.82 7.65 -10.92
C GLU A 65 -2.67 8.92 -10.98
N ILE A 66 -2.08 10.04 -10.62
CA ILE A 66 -2.81 11.28 -10.58
C ILE A 66 -3.06 11.77 -12.02
N VAL A 67 -2.04 11.69 -12.88
CA VAL A 67 -2.30 12.00 -14.28
C VAL A 67 -3.29 11.02 -14.94
N ARG A 68 -3.26 9.74 -14.55
CA ARG A 68 -4.27 8.79 -15.02
C ARG A 68 -5.69 9.20 -14.58
N LEU A 69 -5.83 9.58 -13.31
CA LEU A 69 -7.13 10.04 -12.82
C LEU A 69 -7.57 11.29 -13.60
N GLN A 70 -6.68 12.26 -13.79
CA GLN A 70 -6.99 13.43 -14.59
C GLN A 70 -7.59 13.06 -15.99
N GLU A 71 -6.98 12.09 -16.68
CA GLU A 71 -7.48 11.61 -17.97
C GLU A 71 -8.89 11.01 -17.88
N GLN A 72 -9.14 10.24 -16.83
CA GLN A 72 -10.48 9.67 -16.65
C GLN A 72 -11.52 10.74 -16.24
N LEU A 73 -11.08 11.75 -15.51
CA LEU A 73 -11.97 12.82 -15.11
C LEU A 73 -12.29 13.75 -16.30
N ALA A 74 -11.34 13.88 -17.24
CA ALA A 74 -11.61 14.63 -18.46
C ALA A 74 -12.78 14.00 -19.24
N GLN A 75 -12.85 12.66 -19.26
CA GLN A 75 -13.95 11.92 -19.88
C GLN A 75 -15.28 12.18 -19.20
N VAL A 76 -15.25 12.25 -17.86
CA VAL A 76 -16.44 12.59 -17.09
C VAL A 76 -16.90 13.97 -17.51
N ALA A 77 -15.98 14.94 -17.51
CA ALA A 77 -16.29 16.34 -17.83
C ALA A 77 -16.98 16.46 -19.22
N LYS A 78 -16.53 15.64 -20.17
CA LYS A 78 -17.07 15.59 -21.54
C LYS A 78 -18.34 14.77 -21.68
N GLY A 79 -18.92 14.31 -20.57
CA GLY A 79 -20.20 13.59 -20.64
C GLY A 79 -20.05 12.14 -21.09
N GLU A 80 -18.84 11.59 -21.01
CA GLU A 80 -18.60 10.21 -21.44
C GLU A 80 -18.25 9.26 -20.29
N ALA A 81 -18.33 9.76 -19.05
CA ALA A 81 -18.16 8.89 -17.89
C ALA A 81 -18.90 9.47 -16.71
N PHE A 82 -18.95 8.71 -15.61
CA PHE A 82 -19.67 9.12 -14.40
C PHE A 82 -18.78 8.99 -13.15
N LEU A 83 -18.82 9.99 -12.27
CA LEU A 83 -17.99 9.99 -11.06
C LEU A 83 -18.76 9.52 -9.84
N LEU A 84 -18.24 8.48 -9.20
CA LEU A 84 -18.75 8.03 -7.93
C LEU A 84 -17.69 8.31 -6.90
N GLN A 85 -18.06 9.09 -5.88
CA GLN A 85 -17.15 9.40 -4.79
C GLN A 85 -17.88 9.14 -3.51
N GLY A 86 -17.26 8.38 -2.60
CA GLY A 86 -17.93 7.97 -1.40
C GLY A 86 -17.09 7.25 -0.38
N GLY A 87 -17.57 7.19 0.86
CA GLY A 87 -16.85 6.54 1.96
C GLY A 87 -17.16 7.24 3.26
N ASP A 88 -16.35 7.00 4.29
CA ASP A 88 -16.61 7.55 5.60
C ASP A 88 -16.74 9.09 5.58
N CYS A 89 -17.73 9.60 6.31
CA CYS A 89 -17.79 11.03 6.59
C CYS A 89 -16.46 11.47 7.20
N ALA A 90 -15.99 10.73 8.21
CA ALA A 90 -14.68 10.93 8.82
C ALA A 90 -14.06 9.58 9.12
N GLU A 91 -12.84 9.32 8.67
CA GLU A 91 -12.18 8.09 9.06
C GLU A 91 -11.65 8.32 10.47
N THR A 92 -11.56 7.26 11.27
CA THR A 92 -10.90 7.33 12.55
C THR A 92 -9.75 6.33 12.59
N PHE A 93 -8.77 6.59 13.43
CA PHE A 93 -7.67 5.67 13.59
C PHE A 93 -8.16 4.32 14.12
N MSE A 94 -9.12 4.36 15.03
CA MSE A 94 -9.74 3.18 15.60
C MSE A 94 -10.48 2.26 14.61
O MSE A 94 -10.47 1.06 14.77
CB MSE A 94 -10.72 3.61 16.69
CG MSE A 94 -11.32 2.46 17.45
SE MSE A 94 -12.67 3.16 18.67
CE MSE A 94 -14.15 3.58 17.42
N ASP A 95 -11.16 2.81 13.62
CA ASP A 95 -11.86 2.00 12.64
C ASP A 95 -11.04 1.78 11.36
N ASN A 96 -9.75 2.14 11.37
CA ASN A 96 -8.92 1.97 10.20
C ASN A 96 -8.42 0.55 10.27
N THR A 97 -9.31 -0.39 9.97
CA THR A 97 -9.01 -1.80 10.10
C THR A 97 -9.33 -2.51 8.79
N GLU A 98 -8.79 -3.70 8.61
CA GLU A 98 -9.11 -4.49 7.41
C GLU A 98 -10.64 -4.63 7.19
N PRO A 99 -11.40 -5.12 8.20
CA PRO A 99 -12.85 -5.25 7.94
C PRO A 99 -13.56 -3.98 7.53
N HIS A 100 -13.20 -2.84 8.13
CA HIS A 100 -13.92 -1.63 7.81
C HIS A 100 -13.52 -1.10 6.42
N ILE A 101 -12.23 -1.16 6.11
CA ILE A 101 -11.74 -0.71 4.78
C ILE A 101 -12.30 -1.60 3.67
N ARG A 102 -12.26 -2.92 3.89
CA ARG A 102 -12.83 -3.87 2.92
C ARG A 102 -14.33 -3.61 2.70
N GLY A 103 -15.07 -3.37 3.78
CA GLY A 103 -16.50 -3.06 3.67
C GLY A 103 -16.78 -1.80 2.84
N ASN A 104 -15.99 -0.75 3.02
CA ASN A 104 -16.16 0.45 2.19
C ASN A 104 -15.74 0.28 0.74
N VAL A 105 -14.68 -0.49 0.51
CA VAL A 105 -14.24 -0.85 -0.84
C VAL A 105 -15.32 -1.65 -1.58
N ARG A 106 -15.86 -2.67 -0.92
CA ARG A 106 -16.94 -3.47 -1.46
C ARG A 106 -18.14 -2.59 -1.81
N ALA A 107 -18.57 -1.76 -0.86
CA ALA A 107 -19.74 -0.93 -1.10
C ALA A 107 -19.56 -0.06 -2.33
N LEU A 108 -18.39 0.53 -2.48
CA LEU A 108 -18.12 1.36 -3.64
C LEU A 108 -18.11 0.54 -4.96
N LEU A 109 -17.56 -0.66 -4.93
CA LEU A 109 -17.55 -1.49 -6.12
C LEU A 109 -18.97 -1.91 -6.45
N GLN A 110 -19.73 -2.32 -5.43
CA GLN A 110 -21.14 -2.65 -5.60
C GLN A 110 -21.93 -1.52 -6.23
N MSE A 111 -21.81 -0.32 -5.67
CA MSE A 111 -22.50 0.81 -6.21
C MSE A 111 -22.01 1.08 -7.62
O MSE A 111 -22.79 1.46 -8.47
CB MSE A 111 -22.29 2.07 -5.36
CG MSE A 111 -22.98 2.03 -4.02
SE MSE A 111 -22.39 3.60 -2.97
CE MSE A 111 -23.44 5.00 -3.84
N ALA A 112 -20.71 0.93 -7.86
CA ALA A 112 -20.14 1.24 -9.17
C ALA A 112 -20.70 0.37 -10.30
N VAL A 113 -20.86 -0.92 -10.06
CA VAL A 113 -21.36 -1.82 -11.12
C VAL A 113 -22.81 -1.49 -11.47
N VAL A 114 -23.63 -1.18 -10.46
CA VAL A 114 -25.00 -0.78 -10.70
C VAL A 114 -25.07 0.52 -11.51
N LEU A 115 -24.29 1.53 -11.13
CA LEU A 115 -24.29 2.81 -11.83
C LEU A 115 -23.68 2.71 -13.25
N THR A 116 -22.71 1.82 -13.43
CA THR A 116 -22.12 1.64 -14.74
C THR A 116 -23.22 1.11 -15.69
N TYR A 117 -23.97 0.11 -15.25
CA TYR A 117 -25.06 -0.44 -16.03
C TYR A 117 -26.09 0.62 -16.36
N GLY A 118 -26.51 1.40 -15.34
CA GLY A 118 -27.54 2.42 -15.51
C GLY A 118 -27.08 3.53 -16.42
N ALA A 119 -25.83 3.95 -16.25
CA ALA A 119 -25.28 5.05 -17.03
C ALA A 119 -24.88 4.64 -18.46
N SER A 120 -24.55 3.36 -18.65
CA SER A 120 -24.01 2.87 -19.92
C SER A 120 -22.71 3.58 -20.30
N MSE A 121 -21.84 3.79 -19.32
CA MSE A 121 -20.56 4.47 -19.50
C MSE A 121 -19.64 4.20 -18.29
O MSE A 121 -20.12 3.83 -17.23
CB MSE A 121 -20.78 5.97 -19.70
CG MSE A 121 -21.41 6.67 -18.56
SE MSE A 121 -21.70 8.57 -18.96
CE MSE A 121 -22.52 8.44 -20.76
N PRO A 122 -18.31 4.36 -18.46
CA PRO A 122 -17.45 4.01 -17.32
C PRO A 122 -17.75 4.86 -16.05
N VAL A 123 -17.64 4.26 -14.88
CA VAL A 123 -17.71 4.99 -13.60
C VAL A 123 -16.31 5.12 -12.98
N VAL A 124 -15.88 6.35 -12.67
CA VAL A 124 -14.62 6.58 -11.95
C VAL A 124 -14.94 6.48 -10.44
N LYS A 125 -14.15 5.69 -9.71
CA LYS A 125 -14.41 5.36 -8.30
C LYS A 125 -13.39 6.09 -7.42
N VAL A 126 -13.89 7.05 -6.65
CA VAL A 126 -13.01 7.84 -5.78
C VAL A 126 -13.49 7.62 -4.34
N ALA A 127 -12.68 6.93 -3.56
CA ALA A 127 -12.97 6.70 -2.16
C ALA A 127 -12.68 7.95 -1.31
N ARG A 128 -13.55 8.27 -0.36
CA ARG A 128 -13.18 9.13 0.78
C ARG A 128 -12.43 8.26 1.77
N ILE A 129 -11.11 8.20 1.62
CA ILE A 129 -10.32 7.23 2.38
C ILE A 129 -8.85 7.62 2.37
N ALA A 130 -8.08 6.99 3.27
CA ALA A 130 -6.64 7.18 3.37
C ALA A 130 -6.25 8.66 3.57
N GLY A 131 -6.96 9.35 4.48
CA GLY A 131 -6.65 10.74 4.81
C GLY A 131 -7.81 11.65 5.26
N GLN A 132 -9.05 11.14 5.23
CA GLN A 132 -10.25 11.90 5.65
C GLN A 132 -10.38 12.00 7.18
N TYR A 133 -9.41 12.67 7.79
CA TYR A 133 -9.15 12.61 9.25
C TYR A 133 -9.29 13.98 9.91
N ALA A 134 -9.82 14.95 9.17
CA ALA A 134 -9.95 16.30 9.66
C ALA A 134 -11.28 16.88 9.21
N LYS A 135 -11.98 17.53 10.13
CA LYS A 135 -13.24 18.16 9.81
C LYS A 135 -13.26 19.60 10.28
N PRO A 136 -13.97 20.47 9.55
CA PRO A 136 -14.22 21.82 10.04
C PRO A 136 -15.30 21.82 11.12
N ARG A 137 -15.28 22.82 11.99
CA ARG A 137 -16.32 22.97 12.99
C ARG A 137 -16.80 24.40 13.00
N SER A 138 -18.08 24.60 13.24
CA SER A 138 -18.63 25.94 13.24
C SER A 138 -18.39 26.66 14.58
N ALA A 139 -18.19 25.91 15.67
CA ALA A 139 -17.84 26.54 16.96
C ALA A 139 -16.73 25.77 17.62
N ASP A 140 -15.91 26.47 18.40
CA ASP A 140 -14.83 25.80 19.09
C ASP A 140 -15.18 25.18 20.44
N ILE A 141 -16.45 25.30 20.87
CA ILE A 141 -16.93 24.64 22.07
C ILE A 141 -18.13 23.77 21.76
N ASP A 142 -18.07 22.48 22.11
CA ASP A 142 -19.23 21.61 21.87
C ASP A 142 -20.24 21.55 23.05
N ALA A 143 -21.25 20.71 22.89
CA ALA A 143 -22.38 20.60 23.81
C ALA A 143 -21.98 20.12 25.19
N LEU A 144 -20.80 19.51 25.32
CA LEU A 144 -20.30 19.06 26.60
C LEU A 144 -19.39 20.10 27.23
N GLY A 145 -19.29 21.28 26.60
CA GLY A 145 -18.42 22.35 27.08
C GLY A 145 -16.94 22.09 26.84
N LEU A 146 -16.63 21.22 25.88
CA LEU A 146 -15.21 20.92 25.60
C LEU A 146 -14.77 21.56 24.28
N ARG A 147 -13.47 21.74 24.11
CA ARG A 147 -12.97 22.10 22.79
C ARG A 147 -13.45 21.05 21.77
N SER A 148 -14.04 21.53 20.69
CA SER A 148 -14.60 20.71 19.66
C SER A 148 -13.64 19.65 19.10
N TYR A 149 -14.19 18.47 18.83
CA TYR A 149 -13.46 17.41 18.13
C TYR A 149 -13.33 17.82 16.66
N ARG A 150 -12.12 17.75 16.13
CA ARG A 150 -11.90 18.24 14.76
C ARG A 150 -11.35 17.14 13.84
N GLY A 151 -11.39 15.91 14.33
CA GLY A 151 -10.89 14.75 13.58
C GLY A 151 -9.56 14.29 14.14
N ASP A 152 -9.27 13.01 13.92
CA ASP A 152 -8.10 12.34 14.52
C ASP A 152 -6.76 12.89 14.07
N MSE A 153 -6.71 13.59 12.93
CA MSE A 153 -5.51 14.28 12.52
C MSE A 153 -5.21 15.48 13.45
O MSE A 153 -4.10 15.99 13.48
CB MSE A 153 -5.63 14.79 11.10
CG MSE A 153 -4.32 15.31 10.56
SE MSE A 153 -4.54 15.95 8.73
CE MSE A 153 -4.63 14.19 7.80
N ILE A 154 -6.24 15.94 14.18
CA ILE A 154 -6.12 17.17 14.95
C ILE A 154 -6.16 16.93 16.45
N ASN A 155 -7.24 16.29 16.91
CA ASN A 155 -7.38 15.98 18.33
C ASN A 155 -8.15 14.67 18.52
N GLY A 156 -8.41 14.27 19.77
CA GLY A 156 -9.12 13.02 20.09
C GLY A 156 -10.64 13.12 20.23
N PHE A 157 -11.33 12.07 19.82
CA PHE A 157 -12.79 11.95 19.97
C PHE A 157 -13.22 11.89 21.42
N ALA A 158 -12.38 11.30 22.29
CA ALA A 158 -12.74 11.05 23.68
C ALA A 158 -13.16 12.37 24.33
N PRO A 159 -14.25 12.34 25.13
CA PRO A 159 -14.73 13.57 25.77
C PRO A 159 -13.95 13.83 27.02
N ASP A 160 -12.71 14.28 26.82
CA ASP A 160 -11.89 14.83 27.89
C ASP A 160 -10.88 15.80 27.34
N ALA A 161 -10.48 16.74 28.18
CA ALA A 161 -9.73 17.93 27.79
C ALA A 161 -8.35 17.65 27.20
N ALA A 162 -7.63 16.68 27.79
CA ALA A 162 -6.30 16.32 27.33
C ALA A 162 -6.39 15.82 25.90
N ALA A 163 -7.39 14.97 25.64
CA ALA A 163 -7.62 14.43 24.32
C ALA A 163 -7.95 15.51 23.27
N ARG A 164 -8.53 16.64 23.70
CA ARG A 164 -9.06 17.64 22.77
C ARG A 164 -8.04 18.69 22.36
N GLU A 165 -6.91 18.69 23.03
CA GLU A 165 -5.83 19.58 22.60
C GLU A 165 -5.33 19.11 21.22
N HIS A 166 -4.94 20.09 20.43
CA HIS A 166 -4.45 19.89 19.11
C HIS A 166 -2.99 19.51 19.21
N ASP A 167 -2.67 18.25 18.84
CA ASP A 167 -1.30 17.75 18.89
C ASP A 167 -0.79 17.28 17.50
N PRO A 168 0.23 17.95 16.93
CA PRO A 168 0.63 17.67 15.55
C PRO A 168 1.42 16.36 15.42
N SER A 169 1.62 15.63 16.52
CA SER A 169 2.06 14.23 16.41
C SER A 169 0.97 13.44 15.68
N ARG A 170 -0.26 13.94 15.71
CA ARG A 170 -1.34 13.31 14.99
C ARG A 170 -1.20 13.41 13.46
N LEU A 171 -0.35 14.33 12.97
CA LEU A 171 -0.05 14.44 11.55
C LEU A 171 0.66 13.17 11.09
N VAL A 172 1.59 12.68 11.91
CA VAL A 172 2.39 11.53 11.62
C VAL A 172 1.55 10.27 11.76
N ARG A 173 0.75 10.23 12.82
CA ARG A 173 -0.15 9.13 13.02
C ARG A 173 -1.14 9.03 11.86
N ALA A 174 -1.62 10.20 11.36
CA ALA A 174 -2.53 10.21 10.20
C ALA A 174 -1.86 9.66 8.96
N TYR A 175 -0.61 10.10 8.73
CA TYR A 175 0.18 9.61 7.60
C TYR A 175 0.30 8.04 7.62
N ALA A 176 0.74 7.50 8.76
CA ALA A 176 0.92 6.05 8.90
C ALA A 176 -0.39 5.32 8.63
N ASN A 177 -1.49 5.83 9.15
CA ASN A 177 -2.80 5.24 8.90
C ASN A 177 -3.25 5.34 7.45
N ALA A 178 -2.98 6.48 6.82
CA ALA A 178 -3.35 6.70 5.44
C ALA A 178 -2.60 5.75 4.52
N SER A 179 -1.30 5.66 4.73
CA SER A 179 -0.42 4.71 4.05
C SER A 179 -0.85 3.27 4.17
N ALA A 180 -1.18 2.84 5.38
CA ALA A 180 -1.60 1.45 5.64
C ALA A 180 -2.94 1.17 4.98
N ALA A 181 -3.84 2.15 4.97
CA ALA A 181 -5.14 1.95 4.35
C ALA A 181 -4.99 1.91 2.82
N MSE A 182 -4.20 2.83 2.27
CA MSE A 182 -3.96 2.85 0.84
C MSE A 182 -3.29 1.54 0.37
O MSE A 182 -3.63 1.02 -0.72
CB MSE A 182 -3.09 4.03 0.44
CG MSE A 182 -2.98 4.15 -1.07
SE MSE A 182 -4.62 4.97 -1.82
CE MSE A 182 -5.15 3.62 -3.21
N ASN A 183 -2.32 1.06 1.13
CA ASN A 183 -1.74 -0.24 0.89
C ASN A 183 -2.82 -1.35 0.76
N LEU A 184 -3.73 -1.40 1.71
CA LEU A 184 -4.80 -2.36 1.68
C LEU A 184 -5.74 -2.12 0.51
N VAL A 185 -6.13 -0.88 0.20
CA VAL A 185 -6.96 -0.68 -0.97
C VAL A 185 -6.32 -1.10 -2.29
N ARG A 186 -5.03 -0.90 -2.47
CA ARG A 186 -4.34 -1.46 -3.63
C ARG A 186 -4.41 -3.00 -3.67
N ALA A 187 -4.11 -3.67 -2.56
CA ALA A 187 -4.20 -5.13 -2.45
C ALA A 187 -5.61 -5.62 -2.75
N LEU A 188 -6.62 -5.01 -2.15
CA LEU A 188 -8.01 -5.45 -2.35
C LEU A 188 -8.48 -5.32 -3.80
N THR A 189 -8.08 -4.22 -4.46
CA THR A 189 -8.55 -3.96 -5.82
C THR A 189 -7.86 -4.77 -6.92
N SER A 190 -6.73 -5.38 -6.62
CA SER A 190 -6.23 -6.42 -7.51
C SER A 190 -6.40 -7.84 -6.95
N SER A 191 -7.29 -8.01 -5.98
CA SER A 191 -7.73 -9.35 -5.57
C SER A 191 -9.04 -9.71 -6.28
N GLY A 192 -9.60 -10.88 -5.96
CA GLY A 192 -10.86 -11.29 -6.56
C GLY A 192 -12.01 -10.50 -5.97
N LEU A 193 -11.71 -9.59 -5.05
CA LEU A 193 -12.75 -8.72 -4.49
C LEU A 193 -13.25 -7.83 -5.59
N ALA A 194 -12.39 -7.55 -6.56
CA ALA A 194 -12.69 -6.60 -7.59
C ALA A 194 -13.53 -7.18 -8.71
N SER A 195 -13.42 -8.49 -8.92
CA SER A 195 -14.19 -9.23 -9.94
C SER A 195 -15.69 -8.88 -9.97
N LEU A 196 -16.14 -8.42 -11.14
CA LEU A 196 -17.51 -7.92 -11.33
C LEU A 196 -18.58 -8.92 -10.95
N HIS A 197 -18.36 -10.18 -11.27
CA HIS A 197 -19.34 -11.21 -11.01
C HIS A 197 -19.52 -11.43 -9.51
N LEU A 198 -18.43 -11.39 -8.76
CA LEU A 198 -18.46 -11.53 -7.30
C LEU A 198 -19.18 -10.34 -6.68
N VAL A 199 -18.78 -9.16 -7.12
CA VAL A 199 -19.37 -7.91 -6.64
C VAL A 199 -20.90 -7.90 -6.77
N HIS A 200 -21.43 -8.27 -7.94
CA HIS A 200 -22.87 -8.23 -8.12
C HIS A 200 -23.64 -9.33 -7.39
N ASP A 201 -22.98 -10.44 -7.06
CA ASP A 201 -23.60 -11.44 -6.15
C ASP A 201 -23.97 -10.87 -4.78
N TRP A 202 -23.16 -9.92 -4.28
CA TRP A 202 -23.51 -9.16 -3.09
C TRP A 202 -24.76 -8.32 -3.35
N ASN A 203 -24.85 -7.73 -4.52
CA ASN A 203 -26.04 -6.96 -4.89
C ASN A 203 -27.31 -7.81 -4.90
N ARG A 204 -27.18 -9.06 -5.33
CA ARG A 204 -28.31 -9.95 -5.41
C ARG A 204 -28.76 -10.41 -4.01
N GLU A 205 -27.78 -10.70 -3.15
CA GLU A 205 -28.06 -10.96 -1.73
C GLU A 205 -28.78 -9.77 -1.08
N PHE A 206 -28.31 -8.56 -1.36
CA PHE A 206 -28.98 -7.34 -0.92
C PHE A 206 -30.45 -7.32 -1.32
N VAL A 207 -30.75 -7.75 -2.54
CA VAL A 207 -32.13 -7.74 -3.03
C VAL A 207 -32.98 -8.79 -2.33
N ARG A 208 -32.41 -9.96 -2.06
CA ARG A 208 -33.15 -11.04 -1.41
C ARG A 208 -33.53 -10.68 0.02
N THR A 209 -32.60 -10.11 0.75
CA THR A 209 -32.76 -9.86 2.20
C THR A 209 -33.29 -8.46 2.57
N SER A 210 -33.28 -7.51 1.64
CA SER A 210 -33.86 -6.19 1.92
C SER A 210 -35.39 -6.15 1.73
N PRO A 211 -36.09 -5.37 2.58
CA PRO A 211 -37.48 -5.02 2.32
C PRO A 211 -37.49 -4.00 1.19
N ALA A 212 -38.54 -4.00 0.38
CA ALA A 212 -38.54 -3.27 -0.90
C ALA A 212 -37.42 -3.80 -1.83
N GLY A 213 -36.93 -5.00 -1.51
CA GLY A 213 -35.99 -5.71 -2.37
C GLY A 213 -36.62 -5.84 -3.74
N ALA A 214 -37.90 -6.22 -3.74
CA ALA A 214 -38.71 -6.33 -4.94
C ALA A 214 -38.76 -5.04 -5.79
N ARG A 215 -38.39 -3.91 -5.20
CA ARG A 215 -38.31 -2.69 -5.98
C ARG A 215 -37.07 -2.70 -6.88
N TYR A 216 -36.04 -3.45 -6.50
CA TYR A 216 -34.77 -3.45 -7.23
C TYR A 216 -34.46 -4.77 -7.95
N GLU A 217 -35.33 -5.76 -7.76
CA GLU A 217 -35.20 -7.07 -8.38
C GLU A 217 -34.92 -6.97 -9.88
N ALA A 218 -35.74 -6.20 -10.57
CA ALA A 218 -35.71 -6.15 -12.02
C ALA A 218 -34.38 -5.62 -12.54
N LEU A 219 -33.86 -4.55 -11.95
CA LEU A 219 -32.57 -3.99 -12.37
C LEU A 219 -31.46 -4.96 -12.00
N ALA A 220 -31.56 -5.55 -10.81
CA ALA A 220 -30.56 -6.51 -10.32
C ALA A 220 -30.47 -7.75 -11.22
N THR A 221 -31.61 -8.26 -11.65
CA THR A 221 -31.69 -9.36 -12.60
C THR A 221 -31.17 -8.94 -13.97
N GLU A 222 -31.55 -7.75 -14.40
CA GLU A 222 -31.05 -7.21 -15.65
C GLU A 222 -29.52 -7.16 -15.67
N ILE A 223 -28.92 -6.65 -14.57
CA ILE A 223 -27.49 -6.53 -14.44
C ILE A 223 -26.81 -7.90 -14.43
N ASP A 224 -27.41 -8.83 -13.70
CA ASP A 224 -26.94 -10.21 -13.69
C ASP A 224 -26.84 -10.77 -15.12
N ARG A 225 -27.90 -10.58 -15.91
CA ARG A 225 -27.94 -11.03 -17.29
C ARG A 225 -26.95 -10.33 -18.19
N GLY A 226 -26.66 -9.06 -17.90
CA GLY A 226 -25.60 -8.36 -18.60
C GLY A 226 -24.25 -9.00 -18.36
N LEU A 227 -24.01 -9.43 -17.13
CA LEU A 227 -22.71 -10.05 -16.76
C LEU A 227 -22.59 -11.46 -17.31
N ARG A 228 -23.69 -12.21 -17.26
CA ARG A 228 -23.68 -13.57 -17.79
C ARG A 228 -23.53 -13.53 -19.32
N PHE A 229 -24.17 -12.54 -19.94
CA PHE A 229 -23.98 -12.24 -21.36
C PHE A 229 -22.53 -11.96 -21.76
N MSE A 230 -21.86 -11.05 -21.04
CA MSE A 230 -20.46 -10.76 -21.36
C MSE A 230 -19.55 -11.95 -21.13
O MSE A 230 -18.66 -12.21 -21.93
CB MSE A 230 -19.95 -9.47 -20.75
CG MSE A 230 -19.42 -9.48 -19.35
SE MSE A 230 -18.95 -7.57 -18.88
CE MSE A 230 -17.02 -7.68 -19.06
N SER A 231 -19.81 -12.71 -20.08
CA SER A 231 -19.10 -13.96 -19.88
C SER A 231 -19.37 -14.99 -21.02
N ALA A 232 -20.61 -15.05 -21.49
CA ALA A 232 -20.96 -15.92 -22.62
C ALA A 232 -20.27 -15.50 -23.93
N CYS A 233 -19.92 -14.23 -24.05
CA CYS A 233 -19.21 -13.73 -25.23
C CYS A 233 -17.72 -13.96 -25.13
N GLY A 234 -17.29 -14.72 -24.12
CA GLY A 234 -15.89 -15.06 -23.95
C GLY A 234 -15.07 -14.06 -23.14
N VAL A 235 -15.72 -12.99 -22.67
CA VAL A 235 -15.04 -12.00 -21.84
C VAL A 235 -14.70 -12.54 -20.43
N ALA A 236 -13.41 -12.72 -20.17
CA ALA A 236 -12.97 -13.24 -18.88
C ALA A 236 -12.27 -12.16 -18.06
N ASP A 237 -12.30 -12.32 -16.74
CA ASP A 237 -11.62 -11.43 -15.77
C ASP A 237 -10.59 -10.43 -16.37
N ARG A 238 -9.57 -10.95 -17.06
CA ARG A 238 -8.38 -10.20 -17.47
C ARG A 238 -8.53 -9.26 -18.69
N ASN A 239 -9.67 -9.31 -19.39
CA ASN A 239 -9.94 -8.40 -20.52
C ASN A 239 -10.60 -7.10 -20.07
N LEU A 240 -11.04 -7.08 -18.81
CA LEU A 240 -11.85 -5.99 -18.28
C LEU A 240 -11.04 -4.74 -17.93
N GLN A 241 -10.05 -4.95 -17.04
CA GLN A 241 -9.46 -3.87 -16.25
C GLN A 241 -8.75 -4.53 -15.07
N THR A 242 -8.05 -3.72 -14.29
CA THR A 242 -7.90 -3.98 -12.86
C THR A 242 -8.77 -2.87 -12.25
N ALA A 243 -9.54 -3.17 -11.21
CA ALA A 243 -10.33 -2.14 -10.52
C ALA A 243 -9.42 -1.05 -10.01
N GLU A 244 -9.80 0.19 -10.26
CA GLU A 244 -9.04 1.33 -9.79
C GLU A 244 -9.96 2.09 -8.87
N ILE A 245 -9.55 2.18 -7.60
CA ILE A 245 -10.22 3.02 -6.61
C ILE A 245 -9.18 4.05 -6.16
N TYR A 246 -9.52 5.30 -6.36
CA TYR A 246 -8.69 6.43 -6.05
C TYR A 246 -8.98 6.93 -4.66
N ALA A 247 -8.04 7.63 -4.07
CA ALA A 247 -8.18 8.12 -2.71
C ALA A 247 -8.39 9.62 -2.76
N SER A 248 -9.30 10.11 -1.93
CA SER A 248 -9.51 11.53 -1.80
C SER A 248 -9.86 11.85 -0.35
N HIS A 249 -9.66 13.11 0.02
CA HIS A 249 -10.19 13.68 1.27
C HIS A 249 -10.28 15.20 1.14
N GLU A 250 -10.93 15.86 2.08
CA GLU A 250 -10.86 17.32 2.14
C GLU A 250 -9.44 17.78 2.48
N ALA A 251 -8.86 18.60 1.62
CA ALA A 251 -7.63 19.30 1.97
C ALA A 251 -7.95 20.43 2.97
N LEU A 252 -7.79 20.14 4.24
CA LEU A 252 -8.16 21.06 5.29
C LEU A 252 -6.93 21.53 6.05
N VAL A 253 -6.11 20.57 6.48
CA VAL A 253 -4.99 20.85 7.37
C VAL A 253 -3.76 21.08 6.50
N LEU A 254 -3.43 22.36 6.36
CA LEU A 254 -2.43 22.73 5.36
C LEU A 254 -1.04 22.30 5.72
N ASP A 255 -0.75 22.13 7.01
CA ASP A 255 0.51 21.59 7.45
C ASP A 255 0.68 20.17 6.95
N TYR A 256 -0.41 19.40 6.90
CA TYR A 256 -0.35 18.05 6.38
C TYR A 256 -0.21 18.09 4.86
N GLU A 257 -1.10 18.81 4.17
CA GLU A 257 -1.05 18.85 2.71
C GLU A 257 0.28 19.38 2.16
N ARG A 258 0.83 20.40 2.80
CA ARG A 258 2.07 20.92 2.30
C ARG A 258 3.29 20.00 2.58
N ALA A 259 3.25 19.25 3.67
CA ALA A 259 4.35 18.35 3.95
C ALA A 259 4.34 17.19 2.93
N MSE A 260 3.18 16.91 2.32
CA MSE A 260 2.99 15.77 1.40
C MSE A 260 3.21 16.15 -0.09
O MSE A 260 3.00 15.31 -0.99
CB MSE A 260 1.63 15.09 1.61
CG MSE A 260 1.47 14.37 2.97
SE MSE A 260 2.96 13.11 3.41
CE MSE A 260 3.94 14.35 4.46
N LEU A 261 3.59 17.41 -0.35
CA LEU A 261 3.89 17.86 -1.70
C LEU A 261 5.17 17.23 -2.20
N ARG A 262 5.14 16.80 -3.45
CA ARG A 262 6.34 16.24 -4.05
C ARG A 262 6.47 16.71 -5.49
N LEU A 263 7.69 16.64 -6.00
CA LEU A 263 8.00 16.95 -7.39
C LEU A 263 7.95 15.69 -8.28
N SER A 264 7.21 15.72 -9.38
CA SER A 264 7.25 14.58 -10.32
C SER A 264 8.59 14.50 -11.09
N ASP A 265 8.91 13.31 -11.62
CA ASP A 265 10.25 13.03 -12.16
C ASP A 265 10.56 13.62 -13.56
N GLY A 266 9.55 14.09 -14.26
CA GLY A 266 9.78 14.80 -15.52
C GLY A 266 9.88 13.88 -16.72
N ASP A 267 9.69 12.59 -16.49
CA ASP A 267 9.71 11.61 -17.57
C ASP A 267 8.44 11.71 -18.44
N ASP A 268 7.34 12.12 -17.81
CA ASP A 268 6.07 12.45 -18.49
C ASP A 268 6.23 13.82 -19.15
N GLY A 269 5.48 14.83 -18.69
CA GLY A 269 5.69 16.21 -19.12
C GLY A 269 6.86 16.80 -18.35
N GLU A 270 6.78 18.08 -17.96
CA GLU A 270 7.80 18.67 -17.10
C GLU A 270 7.47 18.50 -15.58
N PRO A 271 8.51 18.60 -14.70
CA PRO A 271 8.31 18.50 -13.24
C PRO A 271 7.41 19.58 -12.64
N GLN A 272 6.43 19.14 -11.83
CA GLN A 272 5.54 20.05 -11.06
C GLN A 272 5.14 19.45 -9.70
N LEU A 273 4.54 20.31 -8.86
CA LEU A 273 4.06 19.94 -7.54
C LEU A 273 2.78 19.13 -7.61
N PHE A 274 2.81 17.97 -6.96
CA PHE A 274 1.62 17.15 -6.72
C PHE A 274 1.52 17.00 -5.22
N ASP A 275 0.29 17.00 -4.71
CA ASP A 275 0.04 16.57 -3.33
C ASP A 275 -0.13 15.04 -3.35
N LEU A 276 0.84 14.32 -2.77
CA LEU A 276 0.85 12.86 -2.86
C LEU A 276 0.31 12.20 -1.59
N SER A 277 -0.51 12.95 -0.86
CA SER A 277 -1.26 12.45 0.25
C SER A 277 -2.56 11.85 -0.24
N ALA A 278 -2.90 12.07 -1.50
CA ALA A 278 -4.15 11.57 -2.10
C ALA A 278 -4.09 11.74 -3.63
N HIS A 279 -5.10 11.24 -4.34
CA HIS A 279 -5.15 11.41 -5.77
C HIS A 279 -5.86 12.74 -6.13
N THR A 280 -6.98 12.99 -5.47
CA THR A 280 -7.71 14.23 -5.60
C THR A 280 -8.13 14.71 -4.22
N VAL A 281 -8.33 16.02 -4.08
CA VAL A 281 -8.81 16.58 -2.81
C VAL A 281 -9.84 17.65 -3.12
N TRP A 282 -10.70 17.97 -2.16
CA TRP A 282 -11.63 19.03 -2.35
C TRP A 282 -11.46 20.08 -1.24
N ILE A 283 -12.01 21.26 -1.51
CA ILE A 283 -12.00 22.36 -0.56
C ILE A 283 -13.41 22.57 -0.04
N GLY A 284 -13.58 22.53 1.27
CA GLY A 284 -14.93 22.57 1.82
C GLY A 284 -15.54 23.97 1.79
N GLU A 285 -16.82 24.00 2.14
CA GLU A 285 -17.62 25.19 2.19
C GLU A 285 -17.04 26.28 3.15
N ARG A 286 -16.43 25.87 4.26
CA ARG A 286 -15.93 26.85 5.26
C ARG A 286 -14.52 27.35 4.96
N THR A 287 -13.88 26.79 3.94
CA THR A 287 -12.49 27.11 3.68
C THR A 287 -12.24 27.55 2.24
N ARG A 288 -13.32 27.77 1.50
CA ARG A 288 -13.18 28.13 0.08
C ARG A 288 -13.08 29.65 -0.21
N GLN A 289 -12.73 30.45 0.81
CA GLN A 289 -12.48 31.89 0.59
C GLN A 289 -11.62 32.05 -0.66
N ILE A 290 -12.14 32.78 -1.63
CA ILE A 290 -11.46 32.99 -2.93
C ILE A 290 -10.03 33.51 -2.81
N ASP A 291 -9.81 34.36 -1.80
CA ASP A 291 -8.46 34.83 -1.49
C ASP A 291 -7.76 34.15 -0.29
N GLY A 292 -8.28 32.99 0.16
CA GLY A 292 -7.66 32.24 1.26
C GLY A 292 -6.59 31.26 0.80
N ALA A 293 -5.86 30.70 1.76
CA ALA A 293 -4.76 29.77 1.53
C ALA A 293 -5.20 28.43 0.88
N HIS A 294 -6.42 27.96 1.17
CA HIS A 294 -6.90 26.71 0.58
C HIS A 294 -7.06 26.80 -0.91
N ILE A 295 -7.74 27.85 -1.39
CA ILE A 295 -7.88 28.04 -2.84
C ILE A 295 -6.49 28.25 -3.46
N ALA A 296 -5.62 29.00 -2.80
CA ALA A 296 -4.26 29.23 -3.31
C ALA A 296 -3.39 27.98 -3.37
N PHE A 297 -3.49 27.14 -2.33
CA PHE A 297 -2.84 25.85 -2.32
C PHE A 297 -3.33 25.02 -3.54
N ALA A 298 -4.64 24.95 -3.76
CA ALA A 298 -5.20 24.24 -4.91
C ALA A 298 -4.69 24.75 -6.26
N GLN A 299 -4.35 26.04 -6.37
CA GLN A 299 -3.86 26.59 -7.63
C GLN A 299 -2.48 26.04 -7.93
N VAL A 300 -1.72 25.79 -6.88
CA VAL A 300 -0.32 25.43 -7.05
C VAL A 300 -0.14 23.91 -7.32
N ILE A 301 -1.10 23.08 -6.93
CA ILE A 301 -0.93 21.62 -7.09
C ILE A 301 -1.48 21.12 -8.41
N ALA A 302 -0.84 20.09 -8.96
CA ALA A 302 -1.31 19.52 -10.21
C ALA A 302 -2.54 18.64 -10.06
N ASN A 303 -2.91 18.23 -8.83
CA ASN A 303 -3.95 17.21 -8.64
C ASN A 303 -5.27 17.74 -9.15
N PRO A 304 -6.17 16.86 -9.66
CA PRO A 304 -7.56 17.34 -9.79
C PRO A 304 -8.14 17.80 -8.45
N VAL A 305 -8.95 18.85 -8.46
CA VAL A 305 -9.54 19.40 -7.22
C VAL A 305 -11.06 19.58 -7.34
N GLY A 306 -11.73 19.62 -6.20
CA GLY A 306 -13.14 19.97 -6.13
C GLY A 306 -13.31 21.15 -5.18
N VAL A 307 -14.40 21.90 -5.36
CA VAL A 307 -14.89 22.91 -4.43
C VAL A 307 -16.38 22.67 -4.15
N LYS A 308 -16.72 22.55 -2.88
CA LYS A 308 -18.09 22.42 -2.44
C LYS A 308 -18.83 23.78 -2.60
N LEU A 309 -20.02 23.74 -3.18
CA LEU A 309 -20.80 24.95 -3.41
C LEU A 309 -22.09 24.78 -2.69
N GLY A 310 -22.29 25.59 -1.66
CA GLY A 310 -23.51 25.56 -0.88
C GLY A 310 -24.55 26.56 -1.38
N PRO A 311 -25.69 26.66 -0.67
CA PRO A 311 -26.83 27.48 -1.11
C PRO A 311 -26.55 28.98 -1.28
N ASN A 312 -25.53 29.52 -0.62
CA ASN A 312 -25.18 30.94 -0.78
C ASN A 312 -24.32 31.24 -1.98
N MSE A 313 -24.06 30.22 -2.78
CA MSE A 313 -23.16 30.36 -3.92
C MSE A 313 -23.83 31.24 -4.96
O MSE A 313 -25.04 31.11 -5.20
CB MSE A 313 -22.84 28.98 -4.50
CG MSE A 313 -21.92 29.02 -5.70
SE MSE A 313 -20.25 29.93 -5.30
CE MSE A 313 -19.26 29.26 -6.79
N THR A 314 -23.03 32.12 -5.57
CA THR A 314 -23.47 32.98 -6.65
C THR A 314 -22.83 32.50 -7.96
N PRO A 315 -23.50 32.74 -9.11
CA PRO A 315 -22.89 32.42 -10.40
C PRO A 315 -21.57 33.15 -10.66
N GLU A 316 -21.41 34.35 -10.10
CA GLU A 316 -20.19 35.11 -10.28
C GLU A 316 -19.03 34.51 -9.49
N LEU A 317 -19.27 34.10 -8.26
CA LEU A 317 -18.20 33.50 -7.46
C LEU A 317 -17.74 32.15 -8.08
N ALA A 318 -18.72 31.40 -8.58
CA ALA A 318 -18.51 30.11 -9.24
C ALA A 318 -17.58 30.25 -10.44
N VAL A 319 -17.79 31.30 -11.23
CA VAL A 319 -16.90 31.64 -12.35
C VAL A 319 -15.49 32.03 -11.90
N GLU A 320 -15.38 32.71 -10.76
CA GLU A 320 -14.05 33.01 -10.18
C GLU A 320 -13.26 31.75 -9.81
N TYR A 321 -13.92 30.74 -9.25
CA TYR A 321 -13.27 29.43 -8.99
C TYR A 321 -12.71 28.81 -10.27
N VAL A 322 -13.50 28.90 -11.34
CA VAL A 322 -13.11 28.37 -12.63
C VAL A 322 -11.88 29.07 -13.14
N GLU A 323 -11.85 30.39 -13.01
CA GLU A 323 -10.68 31.16 -13.45
C GLU A 323 -9.45 30.93 -12.59
N ARG A 324 -9.62 30.80 -11.27
CA ARG A 324 -8.45 30.54 -10.43
C ARG A 324 -7.94 29.11 -10.61
N LEU A 325 -8.87 28.15 -10.62
CA LEU A 325 -8.52 26.74 -10.49
C LEU A 325 -8.45 25.93 -11.78
N ASP A 326 -8.89 26.50 -12.89
CA ASP A 326 -8.74 25.84 -14.17
C ASP A 326 -8.27 26.88 -15.19
N PRO A 327 -7.18 27.60 -14.89
CA PRO A 327 -6.79 28.72 -15.75
C PRO A 327 -6.46 28.23 -17.15
N HIS A 328 -5.93 27.01 -17.26
CA HIS A 328 -5.50 26.46 -18.54
C HIS A 328 -6.58 25.68 -19.27
N ASN A 329 -7.82 25.72 -18.79
CA ASN A 329 -8.91 25.00 -19.47
C ASN A 329 -8.58 23.52 -19.72
N LYS A 330 -8.29 22.76 -18.67
CA LYS A 330 -8.07 21.33 -18.77
C LYS A 330 -9.32 20.64 -18.25
N PRO A 331 -10.10 20.02 -19.14
CA PRO A 331 -11.40 19.45 -18.72
C PRO A 331 -11.22 18.46 -17.55
N GLY A 332 -12.07 18.56 -16.54
CA GLY A 332 -12.00 17.65 -15.42
C GLY A 332 -10.94 17.96 -14.38
N ARG A 333 -10.15 19.00 -14.60
CA ARG A 333 -9.25 19.45 -13.57
C ARG A 333 -10.03 19.98 -12.35
N LEU A 334 -11.20 20.58 -12.58
CA LEU A 334 -12.05 21.10 -11.54
C LEU A 334 -13.41 20.43 -11.52
N THR A 335 -13.82 20.07 -10.31
CA THR A 335 -15.16 19.60 -10.07
C THR A 335 -15.87 20.63 -9.17
N LEU A 336 -17.07 21.03 -9.59
CA LEU A 336 -17.91 21.86 -8.72
C LEU A 336 -18.93 20.98 -8.06
N VAL A 337 -18.91 20.96 -6.74
CA VAL A 337 -19.73 20.02 -5.99
C VAL A 337 -20.91 20.74 -5.38
N SER A 338 -22.09 20.49 -5.93
CA SER A 338 -23.30 21.13 -5.47
C SER A 338 -23.86 20.48 -4.19
N ARG A 339 -23.98 21.26 -3.12
CA ARG A 339 -24.69 20.79 -1.91
C ARG A 339 -25.65 21.86 -1.40
N MSE A 340 -26.85 21.88 -1.97
CA MSE A 340 -27.79 22.98 -1.82
C MSE A 340 -28.92 22.71 -0.84
O MSE A 340 -29.55 23.65 -0.36
CB MSE A 340 -28.47 23.30 -3.16
CG MSE A 340 -27.61 23.29 -4.38
SE MSE A 340 -26.86 25.06 -4.52
CE MSE A 340 -26.39 25.12 -6.40
N GLY A 341 -29.21 21.43 -0.61
CA GLY A 341 -30.49 21.01 -0.05
C GLY A 341 -31.47 20.66 -1.17
N ASN A 342 -32.33 19.67 -0.94
CA ASN A 342 -33.29 19.18 -1.94
C ASN A 342 -34.40 20.18 -2.29
N HIS A 343 -34.71 21.05 -1.34
CA HIS A 343 -35.72 22.10 -1.48
C HIS A 343 -35.17 23.33 -2.22
N LYS A 344 -33.85 23.38 -2.41
CA LYS A 344 -33.22 24.54 -3.05
C LYS A 344 -32.50 24.28 -4.39
N VAL A 345 -32.20 23.02 -4.71
CA VAL A 345 -31.33 22.72 -5.85
C VAL A 345 -31.95 23.08 -7.21
N ARG A 346 -33.25 22.80 -7.38
CA ARG A 346 -33.96 23.10 -8.65
C ARG A 346 -33.90 24.60 -8.95
N ASP A 347 -34.02 25.42 -7.90
CA ASP A 347 -33.97 26.88 -8.08
C ASP A 347 -32.56 27.45 -8.18
N LEU A 348 -31.65 26.99 -7.32
CA LEU A 348 -30.36 27.65 -7.14
C LEU A 348 -29.26 27.21 -8.10
N LEU A 349 -29.29 25.95 -8.52
CA LEU A 349 -28.22 25.44 -9.38
C LEU A 349 -28.23 25.96 -10.83
N PRO A 350 -29.42 26.06 -11.47
CA PRO A 350 -29.42 26.44 -12.91
C PRO A 350 -28.66 27.73 -13.26
N PRO A 351 -28.85 28.84 -12.51
CA PRO A 351 -28.05 29.99 -12.95
C PRO A 351 -26.54 29.81 -12.74
N ILE A 352 -26.14 29.02 -11.72
CA ILE A 352 -24.71 28.70 -11.54
C ILE A 352 -24.18 27.93 -12.76
N VAL A 353 -24.86 26.84 -13.11
CA VAL A 353 -24.45 26.02 -14.26
C VAL A 353 -24.34 26.85 -15.54
N GLU A 354 -25.42 27.59 -15.87
CA GLU A 354 -25.45 28.44 -17.08
C GLU A 354 -24.25 29.36 -17.17
N LYS A 355 -23.99 30.11 -16.09
CA LYS A 355 -22.88 31.04 -16.06
C LYS A 355 -21.54 30.35 -16.24
N VAL A 356 -21.35 29.20 -15.58
CA VAL A 356 -20.08 28.47 -15.70
C VAL A 356 -19.95 27.87 -17.10
N GLN A 357 -21.03 27.29 -17.61
CA GLN A 357 -20.99 26.75 -18.97
C GLN A 357 -20.54 27.81 -19.97
N ALA A 358 -20.96 29.06 -19.75
CA ALA A 358 -20.66 30.19 -20.67
C ALA A 358 -19.19 30.58 -20.72
N THR A 359 -18.38 30.01 -19.80
CA THR A 359 -16.96 30.37 -19.73
C THR A 359 -16.14 29.70 -20.83
N GLY A 360 -16.65 28.63 -21.42
CA GLY A 360 -15.84 27.79 -22.30
C GLY A 360 -15.09 26.65 -21.57
N HIS A 361 -15.10 26.65 -20.22
CA HIS A 361 -14.41 25.60 -19.44
C HIS A 361 -15.32 24.42 -19.17
N GLN A 362 -14.73 23.22 -19.08
CA GLN A 362 -15.51 22.01 -18.80
C GLN A 362 -15.21 21.45 -17.42
N VAL A 363 -16.03 21.86 -16.46
CA VAL A 363 -15.94 21.35 -15.11
C VAL A 363 -16.75 20.08 -15.05
N ILE A 364 -16.53 19.30 -14.01
CA ILE A 364 -17.44 18.22 -13.66
C ILE A 364 -18.47 18.77 -12.68
N TRP A 365 -19.75 18.52 -12.97
CA TRP A 365 -20.82 18.87 -12.06
C TRP A 365 -21.12 17.64 -11.24
N GLN A 366 -20.88 17.74 -9.94
CA GLN A 366 -21.11 16.61 -9.06
C GLN A 366 -22.09 16.99 -7.97
N CYS A 367 -22.98 16.06 -7.64
CA CYS A 367 -23.97 16.32 -6.62
C CYS A 367 -23.60 15.70 -5.28
N ASP A 368 -23.60 16.53 -4.24
CA ASP A 368 -23.41 16.09 -2.86
C ASP A 368 -24.76 16.29 -2.16
N PRO A 369 -25.58 15.23 -2.03
CA PRO A 369 -26.89 15.36 -1.36
C PRO A 369 -26.85 15.13 0.16
N MSE A 370 -25.67 15.20 0.76
CA MSE A 370 -25.51 14.90 2.20
C MSE A 370 -25.58 16.17 3.03
O MSE A 370 -26.43 16.31 3.91
CB MSE A 370 -24.17 14.22 2.50
CG MSE A 370 -23.78 13.07 1.60
SE MSE A 370 -25.07 11.58 1.58
CE MSE A 370 -25.06 10.97 3.44
N HIS A 371 -24.65 17.08 2.76
CA HIS A 371 -24.35 18.21 3.64
C HIS A 371 -25.32 19.37 3.48
N GLY A 372 -26.44 19.12 2.78
CA GLY A 372 -27.50 20.11 2.67
C GLY A 372 -28.78 19.57 3.30
N ASN A 373 -28.74 18.32 3.73
CA ASN A 373 -29.93 17.60 4.18
C ASN A 373 -29.82 17.02 5.60
N THR A 374 -28.99 17.64 6.42
CA THR A 374 -28.78 17.22 7.81
C THR A 374 -29.78 17.91 8.77
N HIS A 375 -30.27 17.16 9.75
CA HIS A 375 -31.06 17.69 10.87
C HIS A 375 -30.73 16.90 12.15
N GLU A 376 -31.36 17.25 13.27
CA GLU A 376 -31.26 16.42 14.46
C GLU A 376 -32.60 15.81 14.85
N SER A 377 -32.61 14.49 15.03
CA SER A 377 -33.82 13.75 15.37
C SER A 377 -34.43 14.24 16.69
N SER A 378 -35.70 13.91 16.90
CA SER A 378 -36.38 14.21 18.16
C SER A 378 -35.64 13.58 19.34
N THR A 379 -35.06 12.39 19.10
CA THR A 379 -34.32 11.64 20.14
C THR A 379 -32.80 11.92 20.20
N GLY A 380 -32.41 13.16 19.91
CA GLY A 380 -31.02 13.61 20.10
C GLY A 380 -30.13 13.63 18.86
N PHE A 381 -30.02 12.48 18.19
CA PHE A 381 -28.99 12.21 17.17
C PHE A 381 -29.04 13.06 15.89
N LYS A 382 -27.85 13.42 15.40
CA LYS A 382 -27.69 14.12 14.12
C LYS A 382 -28.00 13.17 12.94
N THR A 383 -29.05 13.48 12.20
CA THR A 383 -29.58 12.55 11.19
C THR A 383 -29.77 13.20 9.82
N ARG A 384 -30.22 12.38 8.86
CA ARG A 384 -30.44 12.79 7.47
C ARG A 384 -31.57 11.93 6.92
N HIS A 385 -32.52 12.54 6.24
CA HIS A 385 -33.57 11.74 5.62
C HIS A 385 -33.19 11.20 4.27
N PHE A 386 -33.24 9.87 4.15
CA PHE A 386 -33.01 9.18 2.89
C PHE A 386 -33.77 9.84 1.74
N ASP A 387 -35.07 10.08 1.92
CA ASP A 387 -35.93 10.67 0.88
C ASP A 387 -35.46 12.04 0.41
N ARG A 388 -34.94 12.83 1.34
CA ARG A 388 -34.44 14.16 1.01
C ARG A 388 -33.14 14.06 0.22
N ILE A 389 -32.33 13.05 0.56
CA ILE A 389 -31.09 12.74 -0.17
C ILE A 389 -31.40 12.37 -1.62
N VAL A 390 -32.27 11.38 -1.82
CA VAL A 390 -32.73 11.01 -3.17
C VAL A 390 -33.25 12.23 -3.94
N ASP A 391 -34.12 13.02 -3.31
CA ASP A 391 -34.74 14.14 -4.01
C ASP A 391 -33.75 15.19 -4.46
N GLU A 392 -32.70 15.45 -3.67
CA GLU A 392 -31.65 16.38 -4.14
C GLU A 392 -30.96 15.85 -5.38
N VAL A 393 -30.63 14.55 -5.38
CA VAL A 393 -30.01 13.94 -6.57
C VAL A 393 -31.01 14.07 -7.73
N GLN A 394 -32.26 13.71 -7.47
CA GLN A 394 -33.34 13.86 -8.47
C GLN A 394 -33.35 15.28 -9.05
N GLY A 395 -33.36 16.27 -8.15
CA GLY A 395 -33.34 17.69 -8.54
C GLY A 395 -32.14 18.09 -9.37
N PHE A 396 -30.97 17.59 -8.96
CA PHE A 396 -29.69 17.83 -9.64
C PHE A 396 -29.76 17.32 -11.08
N PHE A 397 -30.24 16.10 -11.27
CA PHE A 397 -30.46 15.57 -12.61
C PHE A 397 -31.41 16.41 -13.48
N GLU A 398 -32.54 16.85 -12.90
CA GLU A 398 -33.53 17.66 -13.61
C GLU A 398 -32.94 18.96 -14.13
N VAL A 399 -32.17 19.66 -13.28
CA VAL A 399 -31.41 20.85 -13.68
C VAL A 399 -30.50 20.59 -14.88
N HIS A 400 -29.75 19.50 -14.85
CA HIS A 400 -28.87 19.17 -15.96
C HIS A 400 -29.62 18.75 -17.22
N ARG A 401 -30.65 17.92 -17.08
CA ARG A 401 -31.45 17.52 -18.23
C ARG A 401 -31.98 18.78 -18.94
N ALA A 402 -32.70 19.61 -18.20
CA ALA A 402 -33.21 20.88 -18.74
C ALA A 402 -32.13 21.77 -19.39
N LEU A 403 -30.88 21.69 -18.93
CA LEU A 403 -29.86 22.55 -19.51
C LEU A 403 -29.07 21.91 -20.65
N GLY A 404 -29.24 20.61 -20.83
CA GLY A 404 -28.43 19.89 -21.82
C GLY A 404 -27.01 19.65 -21.34
N THR A 405 -26.81 19.80 -20.04
CA THR A 405 -25.50 19.56 -19.40
C THR A 405 -25.42 18.18 -18.76
N HIS A 406 -24.22 17.84 -18.27
CA HIS A 406 -23.94 16.49 -17.80
C HIS A 406 -24.03 16.43 -16.30
N PRO A 407 -24.98 15.65 -15.79
CA PRO A 407 -24.96 15.38 -14.38
C PRO A 407 -23.78 14.42 -14.17
N GLY A 408 -22.63 14.96 -13.74
CA GLY A 408 -21.35 14.25 -13.83
C GLY A 408 -21.02 13.24 -12.75
N GLY A 409 -21.65 13.37 -11.59
CA GLY A 409 -21.35 12.44 -10.51
C GLY A 409 -22.09 12.68 -9.24
N ILE A 410 -21.82 11.80 -8.28
CA ILE A 410 -22.29 11.97 -6.92
C ILE A 410 -21.15 11.85 -5.91
N HIS A 411 -21.34 12.54 -4.80
CA HIS A 411 -20.44 12.55 -3.69
C HIS A 411 -21.31 12.18 -2.49
N VAL A 412 -20.98 11.09 -1.84
CA VAL A 412 -21.86 10.52 -0.84
C VAL A 412 -21.07 10.05 0.40
N GLU A 413 -21.70 10.07 1.57
CA GLU A 413 -21.04 9.57 2.78
C GLU A 413 -21.71 8.33 3.30
N ILE A 414 -20.94 7.26 3.42
CA ILE A 414 -21.47 5.88 3.51
C ILE A 414 -20.59 4.96 4.32
N THR A 415 -21.14 3.80 4.68
CA THR A 415 -20.34 2.71 5.25
C THR A 415 -20.80 1.29 4.80
N GLY A 416 -19.88 0.32 4.86
CA GLY A 416 -20.18 -1.08 4.57
C GLY A 416 -20.75 -1.88 5.75
N GLU A 417 -20.85 -1.23 6.92
CA GLU A 417 -21.44 -1.83 8.12
C GLU A 417 -22.94 -1.56 8.22
N ASN A 418 -23.66 -2.39 8.98
CA ASN A 418 -25.11 -2.18 9.15
C ASN A 418 -25.43 -1.23 10.31
N VAL A 419 -25.35 0.06 10.01
CA VAL A 419 -25.37 1.13 11.00
C VAL A 419 -26.77 1.78 11.05
N THR A 420 -27.05 2.54 12.10
CA THR A 420 -28.34 3.26 12.22
C THR A 420 -28.15 4.77 12.30
N LEU A 434 -32.56 3.84 15.82
CA LEU A 434 -31.68 4.98 15.51
C LEU A 434 -30.61 5.19 16.60
N ALA A 435 -30.76 4.50 17.73
CA ALA A 435 -29.80 4.54 18.83
C ALA A 435 -29.00 3.23 18.96
N GLY A 436 -29.44 2.22 18.22
CA GLY A 436 -28.85 0.88 18.25
C GLY A 436 -27.39 0.85 17.83
N ARG A 437 -27.11 1.38 16.65
CA ARG A 437 -25.74 1.45 16.12
C ARG A 437 -25.43 2.84 15.55
N TYR A 438 -25.23 3.82 16.44
CA TYR A 438 -24.73 5.13 16.03
C TYR A 438 -23.23 5.17 16.28
N GLU A 439 -22.44 5.20 15.19
CA GLU A 439 -21.00 4.94 15.28
C GLU A 439 -20.08 5.85 14.47
N THR A 440 -20.64 6.90 13.86
CA THR A 440 -19.93 7.70 12.84
C THR A 440 -18.65 8.46 13.27
N ALA A 441 -18.77 9.11 14.43
CA ALA A 441 -17.73 10.05 14.91
C ALA A 441 -18.01 11.45 14.35
N CYS A 442 -18.87 11.52 13.33
CA CYS A 442 -19.34 12.79 12.78
C CYS A 442 -20.76 12.82 12.19
N ASP A 443 -20.85 12.97 10.87
CA ASP A 443 -22.16 13.07 10.20
C ASP A 443 -22.78 11.67 9.97
N PRO A 444 -24.11 11.58 9.98
CA PRO A 444 -24.73 10.24 9.77
C PRO A 444 -24.50 9.69 8.36
N ARG A 445 -23.68 8.64 8.26
CA ARG A 445 -23.46 7.92 6.99
C ARG A 445 -24.74 7.14 6.65
N LEU A 446 -25.10 7.07 5.37
CA LEU A 446 -26.04 6.07 4.91
C LEU A 446 -25.34 4.75 5.21
N ASN A 447 -26.09 3.74 5.61
CA ASN A 447 -25.44 2.45 5.84
C ASN A 447 -25.15 1.72 4.51
N THR A 448 -24.56 0.54 4.60
CA THR A 448 -24.37 -0.32 3.42
C THR A 448 -25.61 -0.28 2.52
N GLN A 449 -26.73 -0.67 3.11
CA GLN A 449 -27.99 -0.87 2.44
C GLN A 449 -28.54 0.38 1.74
N GLN A 450 -28.48 1.51 2.43
CA GLN A 450 -29.06 2.73 1.89
C GLN A 450 -28.23 3.29 0.75
N SER A 451 -26.92 3.16 0.86
CA SER A 451 -26.02 3.69 -0.16
C SER A 451 -26.17 2.84 -1.43
N LEU A 452 -26.42 1.57 -1.25
CA LEU A 452 -26.66 0.64 -2.32
C LEU A 452 -27.98 0.95 -3.02
N GLU A 453 -29.01 1.07 -2.20
CA GLU A 453 -30.33 1.47 -2.64
C GLU A 453 -30.28 2.77 -3.44
N LEU A 454 -29.55 3.75 -2.91
CA LEU A 454 -29.34 4.99 -3.64
C LEU A 454 -28.68 4.77 -5.03
N ALA A 455 -27.76 3.83 -5.13
CA ALA A 455 -27.13 3.55 -6.44
C ALA A 455 -28.21 3.05 -7.43
N PHE A 456 -29.06 2.12 -7.00
CA PHE A 456 -30.19 1.67 -7.82
C PHE A 456 -31.06 2.83 -8.29
N LEU A 457 -31.35 3.75 -7.37
CA LEU A 457 -32.20 4.91 -7.70
C LEU A 457 -31.52 5.84 -8.64
N VAL A 458 -30.22 6.02 -8.48
CA VAL A 458 -29.47 6.90 -9.38
C VAL A 458 -29.29 6.22 -10.75
N ALA A 459 -29.07 4.91 -10.77
CA ALA A 459 -29.05 4.18 -12.05
C ALA A 459 -30.33 4.42 -12.90
N GLU A 460 -31.50 4.33 -12.26
CA GLU A 460 -32.79 4.65 -12.94
C GLU A 460 -32.87 6.09 -13.50
N MSE A 461 -32.38 7.06 -12.73
CA MSE A 461 -32.26 8.42 -13.23
C MSE A 461 -31.28 8.52 -14.39
O MSE A 461 -31.42 9.38 -15.26
CB MSE A 461 -31.76 9.33 -12.12
CG MSE A 461 -32.57 9.29 -10.82
SE MSE A 461 -31.71 10.42 -9.45
CE MSE A 461 -31.80 12.06 -10.42
N LEU A 462 -30.26 7.66 -14.38
CA LEU A 462 -29.28 7.64 -15.45
C LEU A 462 -29.86 7.05 -16.76
N ARG A 463 -30.77 6.08 -16.62
CA ARG A 463 -31.42 5.40 -17.75
C ARG A 463 -32.41 6.31 -18.47
N ASP A 464 -32.96 7.25 -17.70
CA ASP A 464 -33.87 8.30 -18.17
C ASP A 464 -33.11 9.51 -18.73
N GLY B 1 3.27 12.94 22.63
CA GLY B 1 2.74 14.08 21.81
C GLY B 1 3.91 14.67 21.11
N ALA B 2 3.68 15.68 20.28
CA ALA B 2 4.79 16.29 19.54
C ALA B 2 5.93 16.81 20.44
N MSE B 3 5.57 17.35 21.60
CA MSE B 3 6.55 17.88 22.57
C MSE B 3 7.57 16.81 23.02
O MSE B 3 8.76 17.10 23.22
CB MSE B 3 5.82 18.47 23.79
CG MSE B 3 6.52 19.68 24.41
SE MSE B 3 6.90 21.15 23.13
CE MSE B 3 8.46 22.04 23.99
N ASN B 4 7.07 15.58 23.16
CA ASN B 4 7.92 14.42 23.51
C ASN B 4 8.46 13.64 22.31
N TRP B 5 8.16 14.12 21.09
CA TRP B 5 8.46 13.40 19.83
C TRP B 5 7.91 11.96 19.89
N THR B 6 6.66 11.80 20.30
CA THR B 6 6.04 10.50 20.36
C THR B 6 4.61 10.60 19.82
N VAL B 7 4.15 9.48 19.26
CA VAL B 7 2.76 9.30 18.94
C VAL B 7 2.14 8.47 20.09
N ASP B 8 1.04 8.95 20.67
CA ASP B 8 0.43 8.25 21.81
C ASP B 8 -0.76 7.44 21.34
N ILE B 9 -0.74 6.15 21.63
CA ILE B 9 -1.82 5.27 21.18
C ILE B 9 -2.44 4.55 22.37
N PRO B 10 -3.73 4.80 22.61
CA PRO B 10 -4.44 4.13 23.70
C PRO B 10 -4.80 2.69 23.31
N ILE B 11 -4.41 1.72 24.14
CA ILE B 11 -4.63 0.29 23.91
C ILE B 11 -5.99 -0.15 24.42
N ASP B 12 -6.41 0.39 25.57
CA ASP B 12 -7.66 -0.05 26.22
C ASP B 12 -8.87 0.28 25.35
N GLN B 13 -9.98 -0.43 25.57
CA GLN B 13 -11.19 -0.24 24.74
C GLN B 13 -10.82 -0.31 23.25
N LEU B 14 -9.87 -1.18 22.93
CA LEU B 14 -9.48 -1.50 21.56
C LEU B 14 -10.09 -2.81 21.03
N PRO B 15 -10.56 -3.72 21.94
CA PRO B 15 -10.54 -5.16 21.59
C PRO B 15 -11.73 -5.67 20.78
N SER B 16 -12.13 -6.92 21.04
CA SER B 16 -13.25 -7.61 20.37
C SER B 16 -12.79 -8.54 19.25
N LEU B 17 -11.49 -8.86 19.23
CA LEU B 17 -10.96 -9.72 18.15
C LEU B 17 -11.46 -11.16 18.18
N PRO B 18 -11.94 -11.68 17.02
CA PRO B 18 -12.51 -13.03 16.97
C PRO B 18 -11.48 -14.09 17.36
N PRO B 19 -11.88 -15.04 18.23
CA PRO B 19 -10.96 -16.11 18.64
C PRO B 19 -10.57 -17.00 17.46
N LEU B 20 -9.34 -17.51 17.47
CA LEU B 20 -8.95 -18.55 16.51
C LEU B 20 -9.76 -19.82 16.74
N PRO B 21 -10.05 -20.56 15.65
CA PRO B 21 -10.40 -21.97 15.77
C PRO B 21 -9.50 -22.61 16.80
N THR B 22 -10.07 -23.51 17.61
CA THR B 22 -9.40 -24.10 18.77
C THR B 22 -8.07 -24.76 18.40
N ASP B 23 -8.06 -25.57 17.34
CA ASP B 23 -6.83 -26.27 16.92
C ASP B 23 -5.69 -25.31 16.57
N LEU B 24 -6.01 -24.25 15.83
CA LEU B 24 -5.00 -23.25 15.42
C LEU B 24 -4.41 -22.53 16.63
N ARG B 25 -5.28 -22.19 17.60
CA ARG B 25 -4.85 -21.62 18.89
C ARG B 25 -3.86 -22.56 19.58
N THR B 26 -4.26 -23.82 19.70
CA THR B 26 -3.44 -24.82 20.39
C THR B 26 -2.10 -24.96 19.73
N ARG B 27 -2.12 -25.09 18.42
CA ARG B 27 -0.87 -25.25 17.71
C ARG B 27 -0.02 -24.01 17.75
N LEU B 28 -0.66 -22.84 17.69
CA LEU B 28 0.14 -21.60 17.66
C LEU B 28 0.83 -21.44 19.04
N ASP B 29 0.03 -21.54 20.11
CA ASP B 29 0.58 -21.51 21.47
C ASP B 29 1.67 -22.57 21.68
N ALA B 30 1.46 -23.80 21.17
CA ALA B 30 2.49 -24.84 21.32
C ALA B 30 3.78 -24.43 20.63
N ALA B 31 3.65 -23.92 19.40
CA ALA B 31 4.79 -23.42 18.66
C ALA B 31 5.55 -22.34 19.42
N LEU B 32 4.80 -21.34 19.90
CA LEU B 32 5.46 -20.18 20.54
C LEU B 32 6.03 -20.47 21.95
N ALA B 33 5.66 -21.62 22.55
CA ALA B 33 6.20 -22.04 23.87
C ALA B 33 7.55 -22.73 23.76
N LYS B 34 7.94 -23.11 22.54
CA LYS B 34 9.21 -23.75 22.30
C LYS B 34 10.33 -22.75 22.44
N PRO B 35 11.56 -23.23 22.66
CA PRO B 35 12.66 -22.29 22.82
C PRO B 35 12.88 -21.51 21.52
N ALA B 36 13.28 -20.24 21.68
CA ALA B 36 13.44 -19.33 20.57
C ALA B 36 14.76 -18.60 20.69
N ALA B 37 15.66 -18.82 19.74
CA ALA B 37 16.93 -18.10 19.71
C ALA B 37 16.78 -16.67 19.16
N GLN B 38 17.77 -15.84 19.46
CA GLN B 38 17.92 -14.53 18.85
C GLN B 38 16.76 -13.57 19.09
N GLN B 39 16.02 -13.76 20.18
CA GLN B 39 14.89 -12.90 20.48
C GLN B 39 15.33 -11.61 21.22
N PRO B 40 14.63 -10.46 20.98
CA PRO B 40 14.87 -9.20 21.75
C PRO B 40 14.62 -9.46 23.23
N THR B 41 15.31 -8.77 24.13
CA THR B 41 15.24 -9.10 25.55
C THR B 41 14.37 -8.10 26.30
N TRP B 42 13.41 -7.50 25.62
CA TRP B 42 12.53 -6.49 26.21
C TRP B 42 11.39 -7.12 27.03
N PRO B 43 10.76 -6.33 27.93
CA PRO B 43 9.75 -6.87 28.84
C PRO B 43 8.51 -7.42 28.16
N ALA B 44 8.00 -8.53 28.70
CA ALA B 44 6.84 -9.21 28.16
C ALA B 44 5.60 -8.32 28.12
N ASP B 45 5.42 -7.50 29.15
CA ASP B 45 4.22 -6.63 29.21
C ASP B 45 4.24 -5.50 28.18
N GLN B 46 5.41 -4.92 27.92
CA GLN B 46 5.53 -3.92 26.88
C GLN B 46 5.35 -4.62 25.50
N ALA B 47 5.99 -5.76 25.29
CA ALA B 47 5.82 -6.52 24.05
C ALA B 47 4.35 -6.82 23.76
N LEU B 48 3.59 -7.17 24.78
CA LEU B 48 2.18 -7.50 24.66
C LEU B 48 1.35 -6.28 24.28
N ALA B 49 1.67 -5.14 24.87
CA ALA B 49 0.97 -3.92 24.54
C ALA B 49 1.17 -3.60 23.02
N MSE B 50 2.39 -3.72 22.53
CA MSE B 50 2.72 -3.46 21.11
C MSE B 50 2.01 -4.46 20.19
O MSE B 50 1.42 -4.06 19.18
CB MSE B 50 4.22 -3.51 20.90
CG MSE B 50 4.98 -2.51 21.73
SE MSE B 50 4.37 -0.66 21.38
CE MSE B 50 5.36 0.25 22.87
N ARG B 51 1.97 -5.73 20.58
CA ARG B 51 1.23 -6.74 19.81
C ARG B 51 -0.25 -6.45 19.71
N THR B 52 -0.82 -5.89 20.78
CA THR B 52 -2.25 -5.58 20.78
C THR B 52 -2.52 -4.44 19.77
N VAL B 53 -1.61 -3.48 19.70
CA VAL B 53 -1.72 -2.43 18.67
C VAL B 53 -1.70 -3.06 17.26
N LEU B 54 -0.77 -3.97 17.04
CA LEU B 54 -0.52 -4.55 15.74
C LEU B 54 -1.60 -5.55 15.30
N GLU B 55 -2.33 -6.11 16.27
CA GLU B 55 -3.30 -7.14 15.97
C GLU B 55 -4.47 -6.59 15.19
N SER B 56 -4.63 -5.27 15.20
CA SER B 56 -5.77 -4.67 14.54
C SER B 56 -5.39 -3.70 13.41
N VAL B 57 -4.12 -3.60 13.04
CA VAL B 57 -3.78 -2.71 11.91
C VAL B 57 -4.12 -3.40 10.56
N PRO B 58 -4.29 -2.61 9.46
CA PRO B 58 -4.34 -3.24 8.11
C PRO B 58 -3.09 -4.08 7.79
N PRO B 59 -3.28 -5.25 7.18
CA PRO B 59 -2.11 -6.12 6.99
C PRO B 59 -1.15 -5.57 5.90
N VAL B 60 0.09 -6.02 5.88
CA VAL B 60 0.98 -5.63 4.79
C VAL B 60 0.60 -6.32 3.48
N THR B 61 0.19 -7.59 3.59
CA THR B 61 -0.23 -8.42 2.47
C THR B 61 -1.60 -9.00 2.76
N VAL B 62 -2.22 -9.64 1.75
CA VAL B 62 -3.50 -10.34 1.89
C VAL B 62 -3.34 -11.80 1.42
N PRO B 63 -4.17 -12.70 1.96
CA PRO B 63 -4.04 -14.16 1.66
C PRO B 63 -4.03 -14.51 0.18
N SER B 64 -4.90 -13.88 -0.61
CA SER B 64 -5.01 -14.17 -2.04
C SER B 64 -3.67 -13.95 -2.77
N GLU B 65 -2.86 -12.98 -2.32
CA GLU B 65 -1.53 -12.73 -2.94
C GLU B 65 -0.56 -13.84 -2.58
N ILE B 66 -0.72 -14.34 -1.37
CA ILE B 66 0.13 -15.40 -0.87
C ILE B 66 -0.19 -16.72 -1.57
N VAL B 67 -1.46 -17.03 -1.81
CA VAL B 67 -1.77 -18.26 -2.56
C VAL B 67 -1.34 -18.14 -4.02
N ARG B 68 -1.47 -16.96 -4.60
CA ARG B 68 -0.92 -16.70 -5.95
C ARG B 68 0.61 -16.90 -6.00
N LEU B 69 1.32 -16.36 -5.00
CA LEU B 69 2.75 -16.60 -4.91
C LEU B 69 3.06 -18.10 -4.84
N GLN B 70 2.29 -18.85 -4.06
CA GLN B 70 2.51 -20.28 -3.90
C GLN B 70 2.36 -21.03 -5.26
N GLU B 71 1.35 -20.66 -6.04
CA GLU B 71 1.14 -21.18 -7.41
C GLU B 71 2.33 -20.89 -8.32
N GLN B 72 2.88 -19.66 -8.24
CA GLN B 72 4.05 -19.31 -9.05
C GLN B 72 5.35 -19.99 -8.60
N LEU B 73 5.46 -20.19 -7.29
CA LEU B 73 6.59 -20.89 -6.71
C LEU B 73 6.54 -22.42 -7.04
N ALA B 74 5.34 -22.95 -7.19
CA ALA B 74 5.13 -24.34 -7.55
C ALA B 74 5.72 -24.54 -8.96
N GLN B 75 5.49 -23.58 -9.85
CA GLN B 75 6.14 -23.59 -11.17
C GLN B 75 7.64 -23.60 -11.10
N VAL B 76 8.21 -22.78 -10.22
CA VAL B 76 9.67 -22.81 -10.02
C VAL B 76 10.17 -24.21 -9.55
N ALA B 77 9.48 -24.78 -8.57
CA ALA B 77 9.83 -26.06 -7.98
C ALA B 77 9.81 -27.18 -9.04
N LYS B 78 8.88 -27.08 -9.99
CA LYS B 78 8.77 -28.05 -11.09
C LYS B 78 9.74 -27.81 -12.25
N GLY B 79 10.64 -26.84 -12.12
CA GLY B 79 11.63 -26.62 -13.14
C GLY B 79 11.13 -25.73 -14.28
N GLU B 80 10.06 -24.96 -14.05
CA GLU B 80 9.41 -24.19 -15.14
C GLU B 80 9.42 -22.68 -14.90
N ALA B 81 10.13 -22.24 -13.85
CA ALA B 81 10.27 -20.82 -13.56
C ALA B 81 11.50 -20.69 -12.67
N PHE B 82 11.95 -19.46 -12.47
CA PHE B 82 13.17 -19.18 -11.73
C PHE B 82 12.86 -18.12 -10.65
N LEU B 83 13.43 -18.26 -9.45
CA LEU B 83 13.21 -17.32 -8.36
C LEU B 83 14.33 -16.32 -8.18
N LEU B 84 13.99 -15.05 -8.30
CA LEU B 84 14.93 -14.03 -7.95
C LEU B 84 14.50 -13.36 -6.64
N GLN B 85 15.37 -13.40 -5.66
CA GLN B 85 15.04 -12.77 -4.39
C GLN B 85 16.19 -11.86 -4.02
N GLY B 86 15.88 -10.62 -3.64
CA GLY B 86 16.94 -9.64 -3.42
C GLY B 86 16.49 -8.32 -2.86
N GLY B 87 17.44 -7.56 -2.33
CA GLY B 87 17.14 -6.26 -1.73
C GLY B 87 18.17 -6.02 -0.64
N ASP B 88 17.87 -5.03 0.20
CA ASP B 88 18.73 -4.64 1.29
C ASP B 88 19.05 -5.83 2.20
N CYS B 89 20.31 -5.93 2.57
CA CYS B 89 20.71 -6.79 3.68
C CYS B 89 19.88 -6.47 4.92
N ALA B 90 19.85 -5.19 5.30
CA ALA B 90 18.89 -4.72 6.31
C ALA B 90 18.26 -3.43 5.87
N GLU B 91 16.94 -3.38 5.85
CA GLU B 91 16.27 -2.10 5.57
C GLU B 91 16.49 -1.26 6.80
N THR B 92 16.55 0.06 6.65
CA THR B 92 16.59 0.95 7.81
C THR B 92 15.48 1.97 7.72
N PHE B 93 14.99 2.41 8.86
CA PHE B 93 13.93 3.44 8.83
C PHE B 93 14.47 4.67 8.11
N MSE B 94 15.76 4.93 8.31
CA MSE B 94 16.46 6.05 7.71
C MSE B 94 16.43 6.08 6.17
O MSE B 94 16.28 7.13 5.56
CB MSE B 94 17.91 6.06 8.18
CG MSE B 94 18.68 7.24 7.71
SE MSE B 94 20.61 7.02 8.04
CE MSE B 94 21.23 6.67 6.17
N ASP B 95 16.61 4.91 5.55
CA ASP B 95 16.59 4.84 4.10
C ASP B 95 15.27 4.40 3.53
N ASN B 96 14.22 4.39 4.35
CA ASN B 96 12.90 3.96 3.90
C ASN B 96 12.23 5.12 3.17
N THR B 97 12.79 5.50 2.03
CA THR B 97 12.36 6.72 1.31
C THR B 97 12.00 6.35 -0.12
N GLU B 98 11.24 7.23 -0.78
CA GLU B 98 10.90 6.97 -2.18
C GLU B 98 12.14 6.70 -3.08
N PRO B 99 13.22 7.52 -3.00
CA PRO B 99 14.35 7.19 -3.89
C PRO B 99 14.96 5.80 -3.63
N HIS B 100 15.12 5.44 -2.37
CA HIS B 100 15.76 4.20 -2.03
C HIS B 100 14.91 2.99 -2.42
N ILE B 101 13.62 3.05 -2.12
CA ILE B 101 12.69 1.99 -2.47
C ILE B 101 12.59 1.81 -3.99
N ARG B 102 12.41 2.93 -4.72
CA ARG B 102 12.36 2.92 -6.18
C ARG B 102 13.69 2.38 -6.72
N GLY B 103 14.80 2.73 -6.11
CA GLY B 103 16.10 2.19 -6.52
C GLY B 103 16.15 0.67 -6.42
N ASN B 104 15.60 0.13 -5.35
CA ASN B 104 15.58 -1.33 -5.18
C ASN B 104 14.58 -2.02 -6.09
N VAL B 105 13.44 -1.40 -6.30
CA VAL B 105 12.45 -1.94 -7.20
C VAL B 105 12.99 -2.04 -8.64
N ARG B 106 13.59 -0.94 -9.12
CA ARG B 106 14.22 -0.90 -10.45
C ARG B 106 15.33 -1.92 -10.62
N ALA B 107 16.23 -1.99 -9.66
CA ALA B 107 17.33 -2.96 -9.71
C ALA B 107 16.79 -4.37 -9.85
N LEU B 108 15.73 -4.66 -9.12
CA LEU B 108 15.18 -6.02 -9.17
C LEU B 108 14.45 -6.32 -10.51
N LEU B 109 13.72 -5.34 -11.02
CA LEU B 109 13.10 -5.45 -12.35
C LEU B 109 14.17 -5.60 -13.44
N GLN B 110 15.22 -4.79 -13.36
CA GLN B 110 16.36 -4.92 -14.30
C GLN B 110 16.95 -6.29 -14.30
N MSE B 111 17.29 -6.82 -13.12
CA MSE B 111 17.85 -8.15 -13.02
C MSE B 111 16.88 -9.18 -13.55
O MSE B 111 17.30 -10.13 -14.18
CB MSE B 111 18.24 -8.53 -11.59
CG MSE B 111 19.38 -7.70 -10.99
SE MSE B 111 19.50 -8.08 -9.02
CE MSE B 111 20.49 -9.76 -9.08
N ALA B 112 15.61 -9.03 -13.25
CA ALA B 112 14.61 -10.00 -13.66
C ALA B 112 14.46 -10.12 -15.18
N VAL B 113 14.52 -9.00 -15.93
CA VAL B 113 14.43 -9.10 -17.40
C VAL B 113 15.58 -9.88 -17.99
N VAL B 114 16.79 -9.60 -17.52
CA VAL B 114 18.00 -10.30 -17.93
C VAL B 114 17.91 -11.81 -17.63
N LEU B 115 17.43 -12.15 -16.44
CA LEU B 115 17.35 -13.55 -16.00
C LEU B 115 16.23 -14.29 -16.72
N THR B 116 15.11 -13.61 -16.99
CA THR B 116 14.01 -14.17 -17.76
C THR B 116 14.52 -14.57 -19.15
N TYR B 117 15.26 -13.65 -19.79
CA TYR B 117 15.80 -13.90 -21.13
C TYR B 117 16.77 -15.07 -21.11
N GLY B 118 17.72 -15.03 -20.19
CA GLY B 118 18.74 -16.10 -20.09
C GLY B 118 18.12 -17.43 -19.73
N ALA B 119 17.10 -17.44 -18.88
CA ALA B 119 16.44 -18.68 -18.46
C ALA B 119 15.39 -19.21 -19.44
N SER B 120 14.84 -18.34 -20.30
CA SER B 120 13.73 -18.71 -21.21
C SER B 120 12.54 -19.24 -20.41
N MSE B 121 12.27 -18.64 -19.26
CA MSE B 121 11.12 -19.03 -18.44
C MSE B 121 10.79 -17.87 -17.49
O MSE B 121 11.62 -16.99 -17.28
CB MSE B 121 11.39 -20.34 -17.70
CG MSE B 121 12.57 -20.30 -16.74
SE MSE B 121 12.93 -22.08 -15.92
CE MSE B 121 12.90 -23.28 -17.48
N PRO B 122 9.57 -17.86 -16.93
CA PRO B 122 9.26 -16.73 -16.02
C PRO B 122 10.18 -16.66 -14.79
N VAL B 123 10.36 -15.44 -14.29
CA VAL B 123 11.15 -15.16 -13.10
C VAL B 123 10.20 -14.61 -12.03
N VAL B 124 10.21 -15.23 -10.85
CA VAL B 124 9.35 -14.76 -9.76
C VAL B 124 10.20 -13.78 -8.95
N LYS B 125 9.65 -12.59 -8.71
CA LYS B 125 10.43 -11.50 -8.08
C LYS B 125 10.01 -11.29 -6.63
N VAL B 126 10.94 -11.54 -5.71
CA VAL B 126 10.71 -11.39 -4.28
C VAL B 126 11.73 -10.41 -3.69
N ALA B 127 11.25 -9.26 -3.27
CA ALA B 127 12.13 -8.26 -2.68
C ALA B 127 12.35 -8.59 -1.18
N ARG B 128 13.54 -8.29 -0.67
CA ARG B 128 13.76 -8.19 0.78
C ARG B 128 13.38 -6.77 1.13
N ILE B 129 12.14 -6.59 1.58
CA ILE B 129 11.64 -5.23 1.71
C ILE B 129 10.39 -5.31 2.53
N ALA B 130 9.94 -4.14 3.00
CA ALA B 130 8.71 -4.02 3.79
C ALA B 130 8.73 -4.96 4.99
N GLY B 131 9.87 -5.02 5.66
CA GLY B 131 9.92 -5.78 6.92
C GLY B 131 11.25 -6.43 7.26
N GLN B 132 12.27 -6.19 6.46
CA GLN B 132 13.57 -6.79 6.73
C GLN B 132 14.35 -5.90 7.70
N TYR B 133 13.84 -5.87 8.93
CA TYR B 133 14.27 -4.89 9.93
C TYR B 133 14.94 -5.51 11.14
N ALA B 134 15.23 -6.81 11.07
CA ALA B 134 15.74 -7.53 12.22
C ALA B 134 16.86 -8.43 11.77
N LYS B 135 17.94 -8.46 12.53
CA LYS B 135 19.04 -9.32 12.11
C LYS B 135 19.64 -10.08 13.26
N PRO B 136 20.00 -11.35 13.03
CA PRO B 136 20.58 -12.13 14.11
C PRO B 136 22.04 -11.72 14.29
N ARG B 137 22.61 -12.03 15.45
CA ARG B 137 24.02 -11.74 15.70
C ARG B 137 24.66 -12.90 16.46
N SER B 138 25.92 -13.20 16.18
CA SER B 138 26.61 -14.28 16.94
C SER B 138 26.88 -13.83 18.37
N ALA B 139 27.36 -12.59 18.50
CA ALA B 139 27.81 -12.02 19.79
C ALA B 139 26.84 -10.95 20.29
N ASP B 140 26.54 -10.92 21.58
CA ASP B 140 25.68 -9.86 22.08
C ASP B 140 26.40 -8.58 22.45
N ILE B 141 27.74 -8.62 22.43
CA ILE B 141 28.54 -7.42 22.57
C ILE B 141 29.37 -7.24 21.29
N ASP B 142 29.32 -6.06 20.68
CA ASP B 142 30.05 -5.82 19.44
C ASP B 142 31.51 -5.32 19.69
N ALA B 143 32.25 -5.02 18.62
CA ALA B 143 33.68 -4.62 18.69
C ALA B 143 33.94 -3.38 19.54
N LEU B 144 32.89 -2.59 19.79
CA LEU B 144 33.03 -1.38 20.56
C LEU B 144 32.62 -1.56 22.01
N GLY B 145 32.22 -2.77 22.39
CA GLY B 145 31.78 -3.01 23.78
C GLY B 145 30.31 -2.71 24.02
N LEU B 146 29.61 -2.27 22.97
CA LEU B 146 28.18 -2.01 23.00
C LEU B 146 27.38 -3.28 22.75
N ARG B 147 26.16 -3.31 23.32
CA ARG B 147 25.17 -4.31 22.91
C ARG B 147 24.98 -4.21 21.40
N SER B 148 25.03 -5.37 20.74
CA SER B 148 25.01 -5.45 19.29
C SER B 148 23.80 -4.80 18.68
N TYR B 149 24.01 -4.09 17.58
CA TYR B 149 22.89 -3.65 16.74
C TYR B 149 22.17 -4.86 16.10
N ARG B 150 20.85 -4.94 16.26
CA ARG B 150 20.10 -6.08 15.72
C ARG B 150 19.03 -5.66 14.72
N GLY B 151 19.15 -4.45 14.18
CA GLY B 151 18.20 -3.96 13.19
C GLY B 151 17.17 -3.09 13.85
N ASP B 152 16.66 -2.15 13.07
CA ASP B 152 15.75 -1.11 13.57
C ASP B 152 14.43 -1.57 14.19
N MSE B 153 14.03 -2.83 13.96
CA MSE B 153 12.89 -3.40 14.69
C MSE B 153 13.20 -3.68 16.16
O MSE B 153 12.29 -3.90 16.98
CB MSE B 153 12.43 -4.70 14.04
CG MSE B 153 11.04 -5.21 14.55
SE MSE B 153 10.63 -6.95 13.75
CE MSE B 153 10.05 -6.35 11.96
N ILE B 154 14.47 -3.68 16.50
CA ILE B 154 14.92 -4.09 17.82
C ILE B 154 15.62 -2.94 18.59
N ASN B 155 16.64 -2.36 17.97
CA ASN B 155 17.40 -1.27 18.54
C ASN B 155 17.97 -0.33 17.46
N GLY B 156 18.75 0.67 17.87
CA GLY B 156 19.30 1.64 16.94
C GLY B 156 20.77 1.40 16.59
N PHE B 157 21.14 1.82 15.40
CA PHE B 157 22.49 1.68 14.84
C PHE B 157 23.47 2.60 15.55
N ALA B 158 22.99 3.73 16.10
CA ALA B 158 23.89 4.70 16.71
C ALA B 158 24.75 4.05 17.81
N PRO B 159 26.08 4.32 17.77
CA PRO B 159 27.03 3.72 18.73
C PRO B 159 27.00 4.37 20.13
N ASP B 160 25.86 4.26 20.82
CA ASP B 160 25.78 4.60 22.23
C ASP B 160 24.80 3.66 22.90
N ALA B 161 24.93 3.52 24.21
CA ALA B 161 24.28 2.43 24.92
C ALA B 161 22.76 2.56 24.96
N ALA B 162 22.30 3.79 25.20
CA ALA B 162 20.88 4.09 25.22
C ALA B 162 20.20 3.69 23.89
N ALA B 163 20.83 4.02 22.76
CA ALA B 163 20.30 3.67 21.44
C ALA B 163 20.25 2.13 21.23
N ARG B 164 21.16 1.41 21.90
CA ARG B 164 21.26 -0.05 21.76
C ARG B 164 20.29 -0.86 22.60
N GLU B 165 19.56 -0.20 23.48
CA GLU B 165 18.62 -0.91 24.31
C GLU B 165 17.47 -1.44 23.44
N HIS B 166 16.95 -2.63 23.76
CA HIS B 166 15.87 -3.23 23.01
C HIS B 166 14.59 -2.49 23.32
N ASP B 167 13.94 -1.99 22.27
CA ASP B 167 12.82 -1.06 22.43
C ASP B 167 11.62 -1.62 21.71
N PRO B 168 10.64 -2.13 22.46
CA PRO B 168 9.48 -2.78 21.83
C PRO B 168 8.59 -1.85 21.00
N SER B 169 8.66 -0.54 21.24
CA SER B 169 7.95 0.39 20.35
C SER B 169 8.44 0.28 18.89
N ARG B 170 9.64 -0.26 18.68
CA ARG B 170 10.16 -0.51 17.33
C ARG B 170 9.36 -1.57 16.52
N LEU B 171 8.50 -2.33 17.19
CA LEU B 171 7.61 -3.29 16.52
C LEU B 171 6.58 -2.49 15.72
N VAL B 172 6.09 -1.40 16.32
CA VAL B 172 5.10 -0.57 15.70
C VAL B 172 5.68 0.37 14.63
N ARG B 173 6.85 0.96 14.86
CA ARG B 173 7.55 1.75 13.85
C ARG B 173 7.98 0.87 12.66
N ALA B 174 8.32 -0.39 12.95
CA ALA B 174 8.65 -1.37 11.89
C ALA B 174 7.45 -1.61 10.99
N TYR B 175 6.30 -1.87 11.59
CA TYR B 175 5.08 -2.03 10.84
C TYR B 175 4.72 -0.78 9.99
N ALA B 176 4.80 0.42 10.61
CA ALA B 176 4.45 1.64 9.88
C ALA B 176 5.41 1.81 8.70
N ASN B 177 6.70 1.57 8.91
CA ASN B 177 7.64 1.64 7.80
C ASN B 177 7.36 0.61 6.70
N ALA B 178 6.96 -0.59 7.14
CA ALA B 178 6.71 -1.71 6.27
C ALA B 178 5.54 -1.43 5.38
N SER B 179 4.42 -1.01 5.94
CA SER B 179 3.29 -0.77 5.11
C SER B 179 3.45 0.46 4.20
N ALA B 180 4.25 1.45 4.61
CA ALA B 180 4.49 2.63 3.76
C ALA B 180 5.28 2.18 2.56
N ALA B 181 6.26 1.30 2.80
CA ALA B 181 7.11 0.85 1.73
C ALA B 181 6.34 -0.12 0.81
N MSE B 182 5.49 -0.98 1.38
CA MSE B 182 4.70 -1.93 0.57
C MSE B 182 3.72 -1.13 -0.31
O MSE B 182 3.52 -1.44 -1.50
CB MSE B 182 3.90 -2.91 1.46
CG MSE B 182 3.15 -4.00 0.64
SE MSE B 182 4.48 -5.30 -0.11
CE MSE B 182 4.04 -5.26 -2.05
N ASN B 183 3.08 -0.14 0.30
CA ASN B 183 2.21 0.76 -0.46
C ASN B 183 2.90 1.36 -1.70
N LEU B 184 4.10 1.88 -1.52
CA LEU B 184 4.87 2.42 -2.61
C LEU B 184 5.30 1.30 -3.56
N VAL B 185 5.73 0.14 -3.07
CA VAL B 185 6.04 -0.87 -4.07
C VAL B 185 4.87 -1.31 -4.95
N ARG B 186 3.66 -1.37 -4.40
CA ARG B 186 2.45 -1.61 -5.20
C ARG B 186 2.20 -0.52 -6.24
N ALA B 187 2.33 0.74 -5.84
CA ALA B 187 2.17 1.87 -6.78
C ALA B 187 3.20 1.80 -7.93
N LEU B 188 4.45 1.53 -7.59
CA LEU B 188 5.53 1.52 -8.57
C LEU B 188 5.44 0.36 -9.56
N THR B 189 4.89 -0.75 -9.12
CA THR B 189 4.83 -1.91 -9.97
C THR B 189 3.63 -1.83 -10.88
N SER B 190 2.64 -0.99 -10.61
CA SER B 190 1.66 -0.71 -11.66
C SER B 190 1.84 0.62 -12.36
N SER B 191 3.01 1.24 -12.25
CA SER B 191 3.32 2.44 -13.03
C SER B 191 4.18 2.06 -14.26
N GLY B 192 4.66 3.07 -14.97
CA GLY B 192 5.47 2.84 -16.16
C GLY B 192 6.84 2.33 -15.78
N LEU B 193 7.13 2.29 -14.47
CA LEU B 193 8.42 1.77 -13.98
C LEU B 193 8.54 0.33 -14.41
N ALA B 194 7.40 -0.36 -14.49
CA ALA B 194 7.43 -1.78 -14.69
C ALA B 194 7.38 -2.22 -16.15
N SER B 195 7.20 -1.31 -17.08
CA SER B 195 7.21 -1.68 -18.48
C SER B 195 8.60 -2.17 -18.86
N LEU B 196 8.66 -3.33 -19.51
CA LEU B 196 9.92 -4.02 -19.82
C LEU B 196 10.86 -3.20 -20.68
N HIS B 197 10.29 -2.41 -21.60
CA HIS B 197 11.08 -1.57 -22.49
C HIS B 197 11.90 -0.54 -21.70
N LEU B 198 11.26 0.10 -20.73
CA LEU B 198 11.91 1.09 -19.88
C LEU B 198 13.00 0.42 -19.04
N VAL B 199 12.58 -0.62 -18.33
CA VAL B 199 13.46 -1.38 -17.46
C VAL B 199 14.75 -1.73 -18.19
N HIS B 200 14.63 -2.25 -19.43
CA HIS B 200 15.83 -2.66 -20.16
C HIS B 200 16.68 -1.51 -20.75
N ASP B 201 16.11 -0.32 -21.00
CA ASP B 201 16.93 0.88 -21.34
C ASP B 201 17.93 1.23 -20.20
N TRP B 202 17.51 0.99 -18.96
CA TRP B 202 18.40 1.08 -17.83
C TRP B 202 19.59 0.15 -17.96
N ASN B 203 19.34 -1.07 -18.43
CA ASN B 203 20.39 -2.08 -18.55
C ASN B 203 21.39 -1.70 -19.61
N ARG B 204 20.91 -0.98 -20.62
CA ARG B 204 21.74 -0.57 -21.73
C ARG B 204 22.63 0.61 -21.37
N GLU B 205 22.12 1.53 -20.56
CA GLU B 205 22.91 2.56 -19.87
C GLU B 205 24.04 1.95 -19.02
N PHE B 206 23.71 0.94 -18.22
CA PHE B 206 24.69 0.22 -17.47
C PHE B 206 25.83 -0.29 -18.36
N VAL B 207 25.46 -0.82 -19.53
CA VAL B 207 26.42 -1.37 -20.49
C VAL B 207 27.41 -0.31 -21.06
N ARG B 208 26.92 0.90 -21.32
CA ARG B 208 27.78 2.00 -21.78
C ARG B 208 28.74 2.42 -20.67
N THR B 209 28.17 2.90 -19.57
CA THR B 209 28.95 3.43 -18.45
C THR B 209 29.36 2.30 -17.49
N SER B 210 30.26 1.45 -17.95
CA SER B 210 30.75 0.33 -17.15
C SER B 210 32.07 -0.15 -17.71
N PRO B 211 33.05 -0.41 -16.82
CA PRO B 211 34.35 -0.96 -17.23
C PRO B 211 34.22 -2.35 -17.86
N ALA B 212 33.36 -3.20 -17.31
CA ALA B 212 33.14 -4.53 -17.91
C ALA B 212 32.05 -4.55 -18.97
N GLY B 213 31.50 -3.35 -19.27
CA GLY B 213 30.45 -3.14 -20.27
C GLY B 213 30.58 -3.99 -21.52
N ALA B 214 31.69 -3.83 -22.24
CA ALA B 214 31.98 -4.66 -23.42
C ALA B 214 31.69 -6.15 -23.19
N ARG B 215 31.76 -6.61 -21.93
CA ARG B 215 31.55 -8.03 -21.64
C ARG B 215 30.07 -8.36 -21.81
N TYR B 216 29.22 -7.39 -21.48
CA TYR B 216 27.78 -7.62 -21.40
C TYR B 216 26.96 -7.07 -22.57
N GLU B 217 27.64 -6.36 -23.47
CA GLU B 217 27.02 -5.69 -24.63
C GLU B 217 26.22 -6.65 -25.54
N ALA B 218 26.81 -7.80 -25.86
CA ALA B 218 26.16 -8.77 -26.73
C ALA B 218 24.82 -9.29 -26.18
N LEU B 219 24.79 -9.61 -24.88
CA LEU B 219 23.58 -10.13 -24.26
C LEU B 219 22.57 -9.00 -24.15
N ALA B 220 23.03 -7.83 -23.73
CA ALA B 220 22.14 -6.66 -23.64
C ALA B 220 21.46 -6.33 -24.99
N THR B 221 22.22 -6.40 -26.07
CA THR B 221 21.73 -6.25 -27.43
C THR B 221 20.78 -7.38 -27.82
N GLU B 222 21.14 -8.62 -27.51
CA GLU B 222 20.23 -9.74 -27.74
C GLU B 222 18.86 -9.52 -27.02
N ILE B 223 18.90 -9.02 -25.80
CA ILE B 223 17.68 -8.84 -25.02
C ILE B 223 16.87 -7.73 -25.64
N ASP B 224 17.54 -6.66 -26.04
CA ASP B 224 16.86 -5.56 -26.70
C ASP B 224 16.15 -6.01 -28.01
N ARG B 225 16.77 -6.89 -28.77
CA ARG B 225 16.14 -7.44 -29.99
C ARG B 225 14.99 -8.37 -29.66
N GLY B 226 15.11 -9.14 -28.58
CA GLY B 226 13.99 -9.93 -28.10
C GLY B 226 12.81 -9.08 -27.69
N LEU B 227 13.07 -7.94 -27.05
CA LEU B 227 11.96 -7.05 -26.67
C LEU B 227 11.27 -6.34 -27.85
N ARG B 228 12.08 -5.84 -28.78
CA ARG B 228 11.60 -5.22 -30.01
C ARG B 228 10.85 -6.23 -30.88
N PHE B 229 11.33 -7.47 -30.91
CA PHE B 229 10.61 -8.56 -31.55
C PHE B 229 9.19 -8.76 -30.96
N MSE B 230 9.09 -8.82 -29.62
CA MSE B 230 7.81 -8.90 -28.93
C MSE B 230 6.83 -7.84 -29.44
O MSE B 230 5.72 -8.18 -29.76
CB MSE B 230 7.95 -8.68 -27.42
CG MSE B 230 8.59 -9.75 -26.58
SE MSE B 230 7.88 -9.65 -24.70
CE MSE B 230 7.44 -7.73 -24.55
N SER B 231 7.25 -6.59 -29.44
CA SER B 231 6.42 -5.50 -29.98
C SER B 231 6.12 -5.66 -31.47
N ALA B 232 7.12 -6.04 -32.26
CA ALA B 232 6.90 -6.24 -33.69
C ALA B 232 5.78 -7.28 -33.88
N CYS B 233 5.69 -8.26 -32.98
CA CYS B 233 4.65 -9.30 -33.06
C CYS B 233 3.28 -8.82 -32.63
N GLY B 234 3.19 -7.54 -32.22
CA GLY B 234 1.95 -6.94 -31.73
C GLY B 234 1.70 -7.00 -30.22
N VAL B 235 2.68 -7.45 -29.46
CA VAL B 235 2.57 -7.47 -28.00
C VAL B 235 2.83 -6.09 -27.36
N ALA B 236 1.79 -5.48 -26.78
CA ALA B 236 1.94 -4.23 -26.04
C ALA B 236 1.81 -4.47 -24.55
N ASP B 237 2.37 -3.56 -23.74
CA ASP B 237 2.30 -3.66 -22.27
C ASP B 237 0.95 -4.09 -21.68
N ARG B 238 -0.13 -3.49 -22.19
CA ARG B 238 -1.51 -3.86 -21.87
C ARG B 238 -1.82 -5.37 -22.04
N ASN B 239 -1.11 -6.01 -22.97
CA ASN B 239 -1.23 -7.46 -23.25
C ASN B 239 -0.33 -8.33 -22.36
N LEU B 240 0.33 -7.70 -21.39
CA LEU B 240 1.26 -8.39 -20.50
C LEU B 240 0.72 -8.51 -19.07
N GLN B 241 1.21 -9.51 -18.35
CA GLN B 241 1.22 -9.53 -16.89
C GLN B 241 1.74 -8.20 -16.27
N THR B 242 0.91 -7.48 -15.50
CA THR B 242 1.42 -6.38 -14.63
C THR B 242 2.48 -6.98 -13.73
N ALA B 243 3.57 -6.23 -13.49
CA ALA B 243 4.65 -6.65 -12.62
C ALA B 243 4.19 -6.96 -11.18
N GLU B 244 4.62 -8.11 -10.69
CA GLU B 244 4.35 -8.49 -9.33
C GLU B 244 5.69 -8.61 -8.60
N ILE B 245 5.84 -7.80 -7.56
CA ILE B 245 7.00 -7.92 -6.67
C ILE B 245 6.46 -8.29 -5.31
N TYR B 246 6.96 -9.40 -4.77
CA TYR B 246 6.49 -9.87 -3.49
C TYR B 246 7.40 -9.41 -2.36
N ALA B 247 6.90 -9.45 -1.16
CA ALA B 247 7.63 -8.93 -0.02
C ALA B 247 8.09 -10.14 0.80
N SER B 248 9.33 -10.10 1.26
CA SER B 248 9.82 -11.15 2.14
C SER B 248 10.75 -10.55 3.16
N HIS B 249 10.94 -11.25 4.28
CA HIS B 249 11.97 -10.93 5.23
C HIS B 249 12.25 -12.18 6.05
N GLU B 250 13.35 -12.20 6.81
CA GLU B 250 13.56 -13.27 7.74
C GLU B 250 12.56 -13.15 8.85
N ALA B 251 11.81 -14.21 9.10
CA ALA B 251 10.93 -14.27 10.25
C ALA B 251 11.81 -14.55 11.50
N LEU B 252 12.17 -13.49 12.21
CA LEU B 252 13.13 -13.56 13.32
C LEU B 252 12.42 -13.21 14.62
N VAL B 253 11.73 -12.06 14.65
CA VAL B 253 11.17 -11.50 15.88
C VAL B 253 9.78 -12.03 15.99
N LEU B 254 9.63 -13.04 16.84
CA LEU B 254 8.36 -13.74 16.90
C LEU B 254 7.26 -12.88 17.46
N ASP B 255 7.60 -11.88 18.28
CA ASP B 255 6.59 -10.90 18.71
C ASP B 255 5.93 -10.18 17.55
N TYR B 256 6.72 -9.87 16.51
CA TYR B 256 6.21 -9.19 15.34
C TYR B 256 5.40 -10.16 14.47
N GLU B 257 5.98 -11.32 14.12
CA GLU B 257 5.27 -12.27 13.27
C GLU B 257 3.92 -12.72 13.82
N ARG B 258 3.85 -13.04 15.12
CA ARG B 258 2.59 -13.50 15.72
C ARG B 258 1.53 -12.41 15.74
N ALA B 259 1.95 -11.16 15.93
CA ALA B 259 0.97 -10.04 15.93
C ALA B 259 0.39 -9.78 14.52
N MSE B 260 1.13 -10.19 13.48
CA MSE B 260 0.71 -9.97 12.07
C MSE B 260 -0.04 -11.21 11.49
O MSE B 260 -0.43 -11.25 10.32
CB MSE B 260 1.92 -9.60 11.21
CG MSE B 260 2.58 -8.31 11.68
SE MSE B 260 1.31 -6.78 11.68
CE MSE B 260 0.81 -6.68 9.73
N LEU B 261 -0.30 -12.20 12.34
CA LEU B 261 -1.09 -13.37 11.93
C LEU B 261 -2.52 -12.99 11.71
N ARG B 262 -3.12 -13.50 10.62
CA ARG B 262 -4.53 -13.33 10.39
C ARG B 262 -5.16 -14.65 9.89
N LEU B 263 -6.40 -14.88 10.23
CA LEU B 263 -7.11 -16.06 9.78
C LEU B 263 -7.74 -15.79 8.44
N SER B 264 -7.61 -16.72 7.49
CA SER B 264 -8.17 -16.61 6.15
C SER B 264 -9.67 -16.83 6.19
N ASP B 265 -10.38 -16.35 5.16
CA ASP B 265 -11.81 -16.62 5.02
C ASP B 265 -12.10 -18.08 4.56
N GLY B 266 -13.36 -18.36 4.18
CA GLY B 266 -13.76 -19.71 3.75
C GLY B 266 -13.63 -20.04 2.27
N ASP B 267 -12.80 -19.27 1.55
CA ASP B 267 -12.64 -19.42 0.08
C ASP B 267 -11.36 -20.20 -0.39
N ASP B 268 -10.49 -20.62 0.55
CA ASP B 268 -9.41 -21.58 0.28
C ASP B 268 -10.06 -22.96 0.41
N GLY B 269 -10.25 -23.35 1.67
CA GLY B 269 -10.99 -24.54 2.08
C GLY B 269 -11.30 -24.29 3.53
N GLU B 270 -10.52 -24.91 4.42
CA GLU B 270 -10.58 -24.64 5.84
C GLU B 270 -9.85 -23.31 6.12
N PRO B 271 -10.33 -22.53 7.11
CA PRO B 271 -9.52 -21.37 7.50
C PRO B 271 -8.12 -21.75 7.99
N GLN B 272 -7.16 -20.90 7.61
CA GLN B 272 -5.74 -21.09 7.87
C GLN B 272 -5.11 -19.79 8.36
N LEU B 273 -4.04 -19.92 9.15
CA LEU B 273 -3.26 -18.78 9.58
C LEU B 273 -2.28 -18.33 8.52
N PHE B 274 -2.36 -17.05 8.16
CA PHE B 274 -1.36 -16.46 7.27
C PHE B 274 -0.61 -15.41 8.04
N ASP B 275 0.70 -15.38 7.85
CA ASP B 275 1.51 -14.29 8.37
C ASP B 275 1.40 -13.15 7.33
N LEU B 276 0.65 -12.09 7.68
CA LEU B 276 0.35 -11.02 6.71
C LEU B 276 1.31 -9.84 6.82
N SER B 277 2.52 -10.14 7.30
CA SER B 277 3.57 -9.12 7.34
C SER B 277 4.47 -9.15 6.09
N ALA B 278 4.20 -10.12 5.20
CA ALA B 278 5.02 -10.45 4.05
C ALA B 278 4.24 -11.48 3.21
N HIS B 279 4.77 -11.82 2.04
CA HIS B 279 4.18 -12.93 1.26
C HIS B 279 4.89 -14.23 1.62
N THR B 280 6.20 -14.19 1.76
CA THR B 280 6.95 -15.34 2.14
C THR B 280 8.00 -14.92 3.17
N VAL B 281 8.39 -15.84 4.06
CA VAL B 281 9.44 -15.53 5.01
C VAL B 281 10.43 -16.66 5.03
N TRP B 282 11.63 -16.40 5.54
CA TRP B 282 12.58 -17.49 5.73
C TRP B 282 13.09 -17.53 7.17
N ILE B 283 13.67 -18.68 7.51
CA ILE B 283 14.23 -18.94 8.82
C ILE B 283 15.72 -19.07 8.62
N GLY B 284 16.46 -18.24 9.36
CA GLY B 284 17.91 -18.16 9.20
C GLY B 284 18.69 -19.27 9.89
N GLU B 285 19.98 -19.24 9.66
CA GLU B 285 20.87 -20.29 10.10
C GLU B 285 20.91 -20.43 11.64
N ARG B 286 20.79 -19.33 12.39
CA ARG B 286 20.90 -19.40 13.85
C ARG B 286 19.58 -19.66 14.56
N THR B 287 18.48 -19.70 13.81
CA THR B 287 17.14 -19.88 14.40
C THR B 287 16.41 -21.12 13.87
N ARG B 288 17.14 -21.96 13.15
CA ARG B 288 16.49 -23.10 12.50
C ARG B 288 16.49 -24.39 13.34
N GLN B 289 16.69 -24.27 14.66
CA GLN B 289 16.57 -25.43 15.58
C GLN B 289 15.35 -26.23 15.21
N ILE B 290 15.55 -27.53 14.95
CA ILE B 290 14.48 -28.38 14.41
C ILE B 290 13.24 -28.40 15.33
N ASP B 291 13.48 -28.38 16.64
CA ASP B 291 12.39 -28.32 17.61
C ASP B 291 12.19 -26.92 18.25
N GLY B 292 12.77 -25.87 17.66
CA GLY B 292 12.64 -24.49 18.13
C GLY B 292 11.33 -23.86 17.70
N ALA B 293 11.03 -22.68 18.27
CA ALA B 293 9.81 -21.95 17.96
C ALA B 293 9.68 -21.53 16.48
N HIS B 294 10.79 -21.21 15.81
CA HIS B 294 10.74 -20.66 14.44
C HIS B 294 10.26 -21.67 13.42
N ILE B 295 10.88 -22.85 13.41
CA ILE B 295 10.39 -23.98 12.57
C ILE B 295 8.94 -24.34 12.86
N ALA B 296 8.62 -24.46 14.15
CA ALA B 296 7.26 -24.75 14.58
C ALA B 296 6.26 -23.67 14.18
N PHE B 297 6.67 -22.41 14.27
CA PHE B 297 5.82 -21.29 13.83
C PHE B 297 5.62 -21.42 12.32
N ALA B 298 6.69 -21.68 11.60
CA ALA B 298 6.62 -21.93 10.16
C ALA B 298 5.63 -23.05 9.78
N GLN B 299 5.46 -24.05 10.64
CA GLN B 299 4.61 -25.20 10.34
C GLN B 299 3.17 -24.82 10.49
N VAL B 300 2.92 -23.75 11.24
CA VAL B 300 1.58 -23.34 11.57
C VAL B 300 0.99 -22.33 10.56
N ILE B 301 1.85 -21.63 9.82
CA ILE B 301 1.37 -20.61 8.86
C ILE B 301 1.27 -21.19 7.46
N ALA B 302 0.43 -20.55 6.65
CA ALA B 302 0.13 -20.98 5.29
C ALA B 302 1.11 -20.42 4.25
N ASN B 303 1.88 -19.38 4.58
CA ASN B 303 2.83 -18.77 3.61
C ASN B 303 3.85 -19.78 3.09
N PRO B 304 4.32 -19.61 1.82
CA PRO B 304 5.55 -20.29 1.44
C PRO B 304 6.65 -19.88 2.41
N VAL B 305 7.60 -20.77 2.70
CA VAL B 305 8.71 -20.48 3.57
C VAL B 305 10.04 -20.98 3.00
N GLY B 306 11.14 -20.43 3.51
CA GLY B 306 12.46 -20.92 3.19
C GLY B 306 13.23 -21.23 4.45
N VAL B 307 14.29 -22.03 4.32
CA VAL B 307 15.20 -22.33 5.42
C VAL B 307 16.60 -22.22 4.87
N LYS B 308 17.46 -21.46 5.55
CA LYS B 308 18.85 -21.35 5.12
C LYS B 308 19.62 -22.57 5.56
N LEU B 309 20.41 -23.14 4.65
CA LEU B 309 21.21 -24.33 4.94
C LEU B 309 22.67 -24.01 4.81
N GLY B 310 23.40 -24.02 5.93
CA GLY B 310 24.82 -23.71 5.85
C GLY B 310 25.62 -24.98 5.66
N PRO B 311 26.95 -24.86 5.71
CA PRO B 311 27.89 -25.97 5.47
C PRO B 311 27.81 -27.15 6.44
N ASN B 312 27.18 -26.97 7.58
CA ASN B 312 27.08 -28.03 8.57
C ASN B 312 25.82 -28.87 8.37
N MSE B 313 25.08 -28.55 7.31
CA MSE B 313 23.82 -29.27 7.03
C MSE B 313 24.09 -30.72 6.63
O MSE B 313 25.06 -30.99 5.92
CB MSE B 313 23.06 -28.56 5.90
CG MSE B 313 21.76 -29.19 5.49
SE MSE B 313 20.46 -29.31 6.95
CE MSE B 313 20.87 -27.59 7.85
N THR B 314 23.25 -31.64 7.08
CA THR B 314 23.34 -33.02 6.60
C THR B 314 22.15 -33.33 5.73
N PRO B 315 22.33 -34.29 4.79
CA PRO B 315 21.22 -34.86 4.04
C PRO B 315 20.03 -35.26 4.91
N GLU B 316 20.27 -35.97 6.03
CA GLU B 316 19.18 -36.42 6.93
C GLU B 316 18.41 -35.27 7.56
N LEU B 317 19.11 -34.30 8.12
CA LEU B 317 18.45 -33.12 8.68
C LEU B 317 17.72 -32.32 7.60
N ALA B 318 18.32 -32.15 6.43
CA ALA B 318 17.63 -31.48 5.31
C ALA B 318 16.30 -32.17 5.00
N VAL B 319 16.26 -33.51 5.02
CA VAL B 319 15.02 -34.29 4.75
C VAL B 319 13.98 -34.08 5.89
N GLU B 320 14.45 -34.02 7.12
CA GLU B 320 13.54 -33.74 8.25
C GLU B 320 12.86 -32.34 8.13
N TYR B 321 13.63 -31.31 7.73
CA TYR B 321 13.08 -29.98 7.40
C TYR B 321 12.00 -30.10 6.37
N VAL B 322 12.27 -30.81 5.29
CA VAL B 322 11.27 -31.01 4.23
C VAL B 322 10.01 -31.69 4.73
N GLU B 323 10.16 -32.77 5.48
CA GLU B 323 9.00 -33.49 5.97
C GLU B 323 8.20 -32.72 7.01
N ARG B 324 8.85 -31.88 7.78
CA ARG B 324 8.11 -31.06 8.76
C ARG B 324 7.46 -29.85 8.11
N LEU B 325 8.14 -29.29 7.13
CA LEU B 325 7.70 -28.00 6.58
C LEU B 325 6.91 -28.12 5.30
N ASP B 326 7.03 -29.27 4.64
CA ASP B 326 6.21 -29.53 3.44
C ASP B 326 5.45 -30.86 3.64
N PRO B 327 4.67 -30.97 4.75
CA PRO B 327 4.17 -32.31 5.08
C PRO B 327 3.09 -32.81 4.11
N HIS B 328 2.48 -31.91 3.32
CA HIS B 328 1.41 -32.29 2.40
C HIS B 328 1.93 -32.48 0.98
N ASN B 329 3.24 -32.42 0.81
CA ASN B 329 3.84 -32.53 -0.53
C ASN B 329 3.26 -31.48 -1.52
N LYS B 330 3.42 -30.20 -1.17
CA LYS B 330 2.89 -29.10 -1.99
C LYS B 330 4.06 -28.38 -2.66
N PRO B 331 4.27 -28.60 -3.98
CA PRO B 331 5.46 -27.98 -4.59
C PRO B 331 5.43 -26.45 -4.40
N GLY B 332 6.59 -25.87 -4.13
CA GLY B 332 6.62 -24.43 -3.88
C GLY B 332 6.49 -23.99 -2.43
N ARG B 333 5.90 -24.83 -1.57
CA ARG B 333 5.70 -24.45 -0.18
C ARG B 333 7.05 -24.21 0.50
N LEU B 334 8.07 -24.96 0.12
CA LEU B 334 9.36 -24.88 0.80
C LEU B 334 10.50 -24.61 -0.15
N THR B 335 11.35 -23.65 0.23
CA THR B 335 12.59 -23.36 -0.44
C THR B 335 13.75 -23.71 0.49
N LEU B 336 14.69 -24.48 -0.01
CA LEU B 336 15.92 -24.76 0.70
C LEU B 336 16.98 -23.85 0.14
N VAL B 337 17.52 -23.01 1.01
CA VAL B 337 18.43 -21.93 0.61
C VAL B 337 19.88 -22.26 0.98
N SER B 338 20.64 -22.66 -0.03
CA SER B 338 22.01 -23.04 0.13
C SER B 338 22.91 -21.82 0.32
N ARG B 339 23.64 -21.77 1.44
CA ARG B 339 24.68 -20.75 1.65
C ARG B 339 25.90 -21.43 2.22
N MSE B 340 26.82 -21.83 1.35
CA MSE B 340 27.86 -22.73 1.76
C MSE B 340 29.29 -22.27 1.60
O MSE B 340 30.19 -22.87 2.22
CB MSE B 340 27.64 -24.11 1.19
CG MSE B 340 26.78 -24.84 2.16
SE MSE B 340 26.02 -26.34 1.34
CE MSE B 340 24.38 -26.58 2.40
N GLY B 341 29.48 -21.20 0.84
CA GLY B 341 30.80 -20.71 0.50
C GLY B 341 31.14 -21.33 -0.82
N ASN B 342 31.84 -20.58 -1.67
CA ASN B 342 32.15 -21.08 -3.02
C ASN B 342 33.10 -22.26 -2.98
N HIS B 343 33.94 -22.30 -1.95
CA HIS B 343 34.94 -23.35 -1.81
C HIS B 343 34.33 -24.66 -1.34
N LYS B 344 33.10 -24.62 -0.81
CA LYS B 344 32.43 -25.82 -0.26
C LYS B 344 31.21 -26.36 -1.02
N VAL B 345 30.57 -25.54 -1.85
CA VAL B 345 29.24 -25.90 -2.41
C VAL B 345 29.26 -27.13 -3.34
N ARG B 346 30.30 -27.22 -4.18
CA ARG B 346 30.43 -28.37 -5.09
C ARG B 346 30.49 -29.72 -4.34
N ASP B 347 31.10 -29.73 -3.16
CA ASP B 347 31.23 -30.98 -2.39
C ASP B 347 30.07 -31.23 -1.43
N LEU B 348 29.58 -30.18 -0.77
CA LEU B 348 28.59 -30.39 0.29
C LEU B 348 27.16 -30.48 -0.24
N LEU B 349 26.87 -29.76 -1.32
CA LEU B 349 25.48 -29.73 -1.82
C LEU B 349 24.95 -31.04 -2.44
N PRO B 350 25.72 -31.73 -3.32
CA PRO B 350 25.09 -32.90 -4.02
C PRO B 350 24.41 -33.95 -3.14
N PRO B 351 25.05 -34.41 -2.02
CA PRO B 351 24.38 -35.43 -1.20
C PRO B 351 23.09 -34.92 -0.57
N ILE B 352 23.02 -33.63 -0.26
CA ILE B 352 21.81 -33.04 0.29
C ILE B 352 20.72 -33.08 -0.77
N VAL B 353 21.06 -32.60 -1.96
CA VAL B 353 20.11 -32.60 -3.09
C VAL B 353 19.59 -34.01 -3.41
N GLU B 354 20.51 -34.97 -3.53
CA GLU B 354 20.16 -36.37 -3.83
C GLU B 354 19.14 -36.93 -2.83
N LYS B 355 19.41 -36.74 -1.53
CA LYS B 355 18.51 -37.24 -0.47
C LYS B 355 17.12 -36.62 -0.51
N VAL B 356 17.07 -35.29 -0.63
CA VAL B 356 15.76 -34.62 -0.68
C VAL B 356 14.99 -35.00 -1.92
N GLN B 357 15.67 -35.02 -3.06
CA GLN B 357 15.03 -35.43 -4.32
C GLN B 357 14.40 -36.80 -4.19
N ALA B 358 15.08 -37.69 -3.45
CA ALA B 358 14.59 -39.08 -3.29
C ALA B 358 13.29 -39.20 -2.54
N THR B 359 12.94 -38.18 -1.74
CA THR B 359 11.70 -38.22 -0.94
C THR B 359 10.44 -38.01 -1.79
N GLY B 360 10.62 -37.60 -3.04
CA GLY B 360 9.46 -37.26 -3.89
C GLY B 360 8.87 -35.84 -3.65
N HIS B 361 9.36 -35.10 -2.65
CA HIS B 361 8.91 -33.72 -2.48
C HIS B 361 9.63 -32.83 -3.47
N GLN B 362 8.97 -31.73 -3.85
CA GLN B 362 9.55 -30.78 -4.78
C GLN B 362 9.74 -29.45 -4.08
N VAL B 363 10.97 -29.21 -3.68
CA VAL B 363 11.37 -27.96 -3.08
C VAL B 363 11.96 -27.11 -4.17
N ILE B 364 12.01 -25.81 -3.90
CA ILE B 364 12.84 -24.94 -4.70
C ILE B 364 14.25 -24.99 -4.13
N TRP B 365 15.24 -25.18 -5.00
CA TRP B 365 16.65 -25.01 -4.65
C TRP B 365 17.14 -23.62 -5.04
N GLN B 366 17.58 -22.84 -4.04
CA GLN B 366 17.92 -21.46 -4.22
C GLN B 366 19.31 -21.24 -3.66
N CYS B 367 20.10 -20.47 -4.37
CA CYS B 367 21.47 -20.25 -3.99
C CYS B 367 21.60 -18.91 -3.30
N ASP B 368 22.21 -18.90 -2.12
CA ASP B 368 22.49 -17.67 -1.41
C ASP B 368 24.01 -17.59 -1.40
N PRO B 369 24.59 -16.87 -2.38
CA PRO B 369 26.04 -16.83 -2.44
C PRO B 369 26.65 -15.74 -1.52
N MSE B 370 25.83 -15.13 -0.65
CA MSE B 370 26.26 -14.01 0.20
C MSE B 370 26.94 -14.49 1.48
O MSE B 370 28.10 -14.21 1.69
CB MSE B 370 25.08 -13.10 0.60
CG MSE B 370 24.19 -12.59 -0.55
SE MSE B 370 25.20 -11.77 -2.04
CE MSE B 370 25.82 -10.09 -1.18
N HIS B 371 26.20 -15.21 2.30
CA HIS B 371 26.50 -15.41 3.74
C HIS B 371 27.49 -16.51 4.06
N GLY B 372 27.99 -17.18 3.02
CA GLY B 372 28.99 -18.22 3.20
C GLY B 372 30.29 -17.64 2.75
N ASN B 373 30.19 -16.44 2.17
CA ASN B 373 31.35 -15.73 1.68
C ASN B 373 31.50 -14.46 2.52
N THR B 374 32.69 -14.27 3.10
CA THR B 374 33.04 -13.08 3.90
C THR B 374 34.55 -13.11 4.20
N HIS B 375 35.09 -11.93 4.52
CA HIS B 375 36.49 -11.81 4.99
C HIS B 375 36.75 -10.51 5.76
N GLU B 376 37.77 -10.57 6.62
CA GLU B 376 38.09 -9.53 7.63
C GLU B 376 37.72 -8.09 7.26
N SER B 377 38.52 -7.49 6.37
CA SER B 377 38.42 -6.05 6.06
C SER B 377 38.70 -5.74 4.59
N PHE B 381 36.22 -3.22 7.83
CA PHE B 381 34.98 -3.29 7.03
C PHE B 381 34.62 -4.74 6.70
N LYS B 382 33.40 -5.15 7.08
CA LYS B 382 32.80 -6.41 6.59
C LYS B 382 32.65 -6.35 5.06
N THR B 383 33.22 -7.34 4.37
CA THR B 383 33.22 -7.33 2.92
C THR B 383 33.28 -8.73 2.27
N ARG B 384 32.99 -8.76 0.97
CA ARG B 384 32.77 -10.00 0.20
C ARG B 384 33.35 -9.81 -1.20
N HIS B 385 34.09 -10.80 -1.70
CA HIS B 385 34.58 -10.64 -3.06
C HIS B 385 33.49 -11.05 -4.05
N PHE B 386 33.27 -10.18 -5.01
CA PHE B 386 32.41 -10.44 -6.13
C PHE B 386 32.72 -11.80 -6.78
N ASP B 387 33.99 -12.08 -7.07
CA ASP B 387 34.37 -13.34 -7.72
C ASP B 387 34.04 -14.59 -6.91
N ARG B 388 34.03 -14.47 -5.59
CA ARG B 388 33.61 -15.61 -4.74
C ARG B 388 32.10 -15.84 -4.80
N ILE B 389 31.37 -14.74 -4.84
CA ILE B 389 29.92 -14.74 -4.98
C ILE B 389 29.56 -15.41 -6.30
N VAL B 390 30.14 -14.95 -7.38
CA VAL B 390 29.90 -15.53 -8.69
C VAL B 390 30.23 -17.00 -8.69
N ASP B 391 31.34 -17.36 -8.05
CA ASP B 391 31.83 -18.73 -8.05
C ASP B 391 30.91 -19.65 -7.26
N GLU B 392 30.30 -19.14 -6.19
CA GLU B 392 29.34 -19.97 -5.48
C GLU B 392 28.14 -20.26 -6.38
N VAL B 393 27.60 -19.24 -7.06
CA VAL B 393 26.42 -19.46 -7.93
C VAL B 393 26.80 -20.46 -9.05
N GLN B 394 27.99 -20.25 -9.61
CA GLN B 394 28.57 -21.17 -10.59
C GLN B 394 28.60 -22.64 -10.09
N GLY B 395 29.17 -22.88 -8.90
CA GLY B 395 29.20 -24.25 -8.37
C GLY B 395 27.85 -24.85 -8.07
N PHE B 396 26.96 -24.00 -7.59
CA PHE B 396 25.55 -24.36 -7.41
C PHE B 396 24.94 -24.86 -8.74
N PHE B 397 25.09 -24.09 -9.83
CA PHE B 397 24.62 -24.56 -11.17
C PHE B 397 25.29 -25.89 -11.57
N GLU B 398 26.59 -26.03 -11.34
CA GLU B 398 27.27 -27.30 -11.61
C GLU B 398 26.68 -28.46 -10.81
N VAL B 399 26.41 -28.27 -9.52
CA VAL B 399 25.75 -29.31 -8.73
C VAL B 399 24.46 -29.80 -9.41
N HIS B 400 23.57 -28.87 -9.75
CA HIS B 400 22.27 -29.22 -10.33
C HIS B 400 22.35 -29.80 -11.74
N ARG B 401 23.22 -29.23 -12.58
CA ARG B 401 23.43 -29.81 -13.93
C ARG B 401 23.81 -31.27 -13.85
N ALA B 402 24.81 -31.61 -13.02
CA ALA B 402 25.24 -32.99 -12.83
C ALA B 402 24.16 -33.92 -12.32
N LEU B 403 23.23 -33.42 -11.50
CA LEU B 403 22.17 -34.29 -11.00
C LEU B 403 20.95 -34.29 -11.89
N GLY B 404 20.90 -33.35 -12.82
CA GLY B 404 19.69 -33.14 -13.60
C GLY B 404 18.54 -32.57 -12.77
N THR B 405 18.86 -31.90 -11.66
CA THR B 405 17.82 -31.21 -10.85
C THR B 405 17.72 -29.73 -11.25
N HIS B 406 16.73 -28.99 -10.75
CA HIS B 406 16.54 -27.59 -11.18
C HIS B 406 17.32 -26.58 -10.29
N PRO B 407 18.28 -25.85 -10.87
CA PRO B 407 18.85 -24.76 -10.09
C PRO B 407 17.75 -23.68 -10.04
N GLY B 408 17.05 -23.54 -8.91
CA GLY B 408 15.76 -22.85 -8.90
C GLY B 408 15.73 -21.35 -8.72
N GLY B 409 16.81 -20.78 -8.22
CA GLY B 409 16.84 -19.36 -7.96
C GLY B 409 18.07 -18.89 -7.24
N ILE B 410 18.14 -17.57 -7.05
CA ILE B 410 19.18 -16.92 -6.25
C ILE B 410 18.56 -16.02 -5.22
N HIS B 411 19.34 -15.79 -4.18
CA HIS B 411 18.94 -14.96 -3.06
C HIS B 411 20.11 -14.05 -2.80
N VAL B 412 19.88 -12.76 -3.00
CA VAL B 412 20.98 -11.84 -3.11
C VAL B 412 20.80 -10.61 -2.19
N GLU B 413 21.90 -10.02 -1.72
CA GLU B 413 21.84 -8.75 -0.99
C GLU B 413 22.45 -7.61 -1.76
N ILE B 414 21.61 -6.62 -2.07
CA ILE B 414 21.85 -5.63 -3.15
C ILE B 414 21.25 -4.27 -2.85
N THR B 415 21.73 -3.26 -3.58
CA THR B 415 21.12 -1.92 -3.53
C THR B 415 21.09 -1.19 -4.91
N GLY B 416 20.08 -0.34 -5.08
CA GLY B 416 20.00 0.58 -6.23
C GLY B 416 20.94 1.77 -6.06
N GLU B 417 21.62 1.84 -4.92
CA GLU B 417 22.58 2.90 -4.61
C GLU B 417 24.01 2.54 -5.09
N ASN B 418 24.75 3.56 -5.55
CA ASN B 418 26.12 3.39 -6.03
C ASN B 418 27.16 3.29 -4.88
N VAL B 419 26.95 2.29 -4.02
CA VAL B 419 27.77 2.05 -2.81
C VAL B 419 29.05 1.25 -3.11
N THR B 420 29.77 0.86 -2.05
CA THR B 420 31.03 0.11 -2.15
C THR B 420 30.88 -1.43 -2.01
N GLU B 421 31.66 -2.01 -1.08
CA GLU B 421 31.75 -3.47 -0.79
C GLU B 421 31.73 -4.43 -2.00
N CYS B 422 32.90 -4.83 -2.47
CA CYS B 422 32.98 -5.75 -3.61
C CYS B 422 34.40 -6.21 -3.92
N LEU B 423 35.33 -5.90 -3.02
CA LEU B 423 36.74 -6.28 -3.19
C LEU B 423 36.97 -7.77 -2.92
N LEU B 434 36.39 1.55 -0.57
CA LEU B 434 35.62 0.91 0.52
C LEU B 434 35.06 1.89 1.54
N ALA B 435 35.94 2.73 2.08
CA ALA B 435 35.54 3.78 3.02
C ALA B 435 34.75 4.91 2.33
N GLY B 436 34.71 4.85 0.99
CA GLY B 436 34.09 5.89 0.15
C GLY B 436 32.60 6.09 0.37
N ARG B 437 31.82 5.01 0.19
CA ARG B 437 30.43 4.96 0.66
C ARG B 437 30.00 3.56 1.12
N TYR B 438 30.55 3.16 2.26
CA TYR B 438 30.07 2.00 3.02
C TYR B 438 28.83 2.46 3.78
N GLU B 439 27.65 2.05 3.31
CA GLU B 439 26.39 2.64 3.79
C GLU B 439 25.43 1.67 4.48
N THR B 440 25.71 0.37 4.37
CA THR B 440 24.86 -0.67 4.94
C THR B 440 24.75 -0.63 6.49
N ALA B 441 23.58 -0.96 7.01
CA ALA B 441 23.34 -1.14 8.44
C ALA B 441 23.89 -2.47 8.94
N CYS B 442 24.19 -3.38 8.00
CA CYS B 442 24.74 -4.67 8.36
C CYS B 442 25.77 -5.17 7.32
N ASP B 443 25.42 -6.23 6.59
CA ASP B 443 26.34 -6.89 5.68
C ASP B 443 26.64 -6.07 4.40
N PRO B 444 27.84 -6.33 3.76
CA PRO B 444 28.19 -5.76 2.45
C PRO B 444 27.23 -6.23 1.34
N ARG B 445 26.56 -5.26 0.70
CA ARG B 445 25.73 -5.58 -0.46
C ARG B 445 26.59 -5.78 -1.73
N LEU B 446 25.88 -5.78 -2.84
CA LEU B 446 26.45 -5.54 -4.12
C LEU B 446 25.78 -4.22 -4.39
N ASN B 447 26.50 -3.28 -4.96
CA ASN B 447 25.85 -2.06 -5.37
C ASN B 447 24.92 -2.32 -6.59
N THR B 448 24.32 -1.25 -7.11
CA THR B 448 23.50 -1.35 -8.31
C THR B 448 24.26 -2.15 -9.37
N GLN B 449 25.44 -1.66 -9.72
CA GLN B 449 26.21 -2.22 -10.81
C GLN B 449 26.53 -3.70 -10.65
N GLN B 450 26.94 -4.10 -9.45
CA GLN B 450 27.41 -5.48 -9.23
C GLN B 450 26.27 -6.49 -9.27
N SER B 451 25.12 -6.07 -8.75
CA SER B 451 23.86 -6.83 -8.80
C SER B 451 23.49 -7.15 -10.24
N LEU B 452 23.56 -6.13 -11.06
CA LEU B 452 23.24 -6.23 -12.47
C LEU B 452 24.25 -7.14 -13.19
N GLU B 453 25.52 -6.91 -12.92
CA GLU B 453 26.58 -7.74 -13.49
C GLU B 453 26.36 -9.21 -13.14
N LEU B 454 25.91 -9.46 -11.91
CA LEU B 454 25.64 -10.84 -11.48
C LEU B 454 24.47 -11.48 -12.23
N ALA B 455 23.42 -10.70 -12.47
CA ALA B 455 22.26 -11.16 -13.28
C ALA B 455 22.71 -11.58 -14.67
N PHE B 456 23.50 -10.73 -15.33
CA PHE B 456 24.09 -11.09 -16.64
C PHE B 456 24.89 -12.39 -16.62
N LEU B 457 25.66 -12.57 -15.54
CA LEU B 457 26.54 -13.74 -15.41
C LEU B 457 25.73 -14.98 -15.14
N VAL B 458 24.68 -14.81 -14.34
CA VAL B 458 23.74 -15.91 -14.07
C VAL B 458 22.89 -16.22 -15.29
N ALA B 459 22.55 -15.20 -16.10
CA ALA B 459 21.85 -15.46 -17.38
C ALA B 459 22.69 -16.35 -18.27
N GLU B 460 24.00 -16.11 -18.28
CA GLU B 460 24.89 -17.01 -19.05
C GLU B 460 24.90 -18.43 -18.52
N MSE B 461 24.88 -18.62 -17.22
CA MSE B 461 24.83 -19.97 -16.65
C MSE B 461 23.51 -20.61 -16.98
O MSE B 461 23.44 -21.83 -17.11
CB MSE B 461 24.99 -19.97 -15.12
CG MSE B 461 26.25 -19.32 -14.63
SE MSE B 461 26.20 -19.03 -12.69
CE MSE B 461 27.52 -17.60 -12.56
N LEU B 462 22.45 -19.81 -17.07
CA LEU B 462 21.14 -20.33 -17.45
C LEU B 462 21.13 -20.79 -18.92
N ARG B 463 21.78 -20.07 -19.84
CA ARG B 463 21.83 -20.45 -21.26
C ARG B 463 22.60 -21.74 -21.47
N ASP B 464 23.66 -21.91 -20.69
CA ASP B 464 24.46 -23.14 -20.63
C ASP B 464 23.73 -24.34 -19.99
MN MN C . -19.59 14.87 6.39
S SO4 D . -20.31 22.09 13.90
O1 SO4 D . -19.70 22.56 12.66
O2 SO4 D . -21.65 22.68 14.02
O3 SO4 D . -20.49 20.63 13.84
O4 SO4 D . -19.51 22.50 15.05
C1 PEP E . -17.14 17.01 3.48
O1 PEP E . -16.52 16.40 4.37
O2' PEP E . -17.66 16.43 2.49
C2 PEP E . -17.18 18.37 3.64
C3 PEP E . -15.94 18.82 3.81
O2 PEP E . -18.31 19.14 3.94
P PEP E . -18.70 20.66 3.58
O1P PEP E . -19.33 20.58 2.21
O2P PEP E . -17.40 21.41 3.62
O3P PEP E . -19.68 21.04 4.67
C1 CE1 F . 7.01 5.51 7.34
C2 CE1 F . 7.43 6.13 8.66
C3 CE1 F . 6.25 6.39 9.59
C4 CE1 F . 6.67 6.93 10.96
C5 CE1 F . 5.85 6.23 12.05
C6 CE1 F . 6.33 6.52 13.47
C7 CE1 F . 5.18 6.44 14.46
C8 CE1 F . 4.16 5.40 14.02
C9 CE1 F . 2.95 5.29 14.95
C10 CE1 F . 1.65 5.24 14.15
C11 CE1 F . 1.47 3.87 13.50
C12 CE1 F . 0.57 3.00 14.35
O13 CE1 F . -0.60 2.61 13.62
C14 CE1 F . -1.74 2.70 14.48
C15 CE1 F . -2.04 4.19 14.73
O16 CE1 F . -3.41 4.47 14.98
C17 CE1 F . -3.95 3.53 15.91
C18 CE1 F . -4.98 2.61 15.23
O19 CE1 F . -5.08 2.78 13.79
C20 CE1 F . -4.73 1.61 13.02
C21 CE1 F . -5.91 0.63 12.85
O22 CE1 F . -6.15 -0.13 14.04
C23 CE1 F . -7.01 0.55 14.94
C24 CE1 F . -7.67 -0.41 15.90
O25 CE1 F . -8.96 0.16 16.16
S SO4 G . 27.44 -11.28 13.51
O1 SO4 G . 27.87 -12.48 12.79
O2 SO4 G . 27.40 -11.55 14.94
O3 SO4 G . 28.36 -10.18 13.27
O4 SO4 G . 26.12 -10.90 13.02
MN MN H . 22.72 -10.33 5.19
C1 PEP I . 19.68 -13.44 5.84
O1 PEP I . 19.36 -12.29 6.18
O2' PEP I . 19.80 -13.66 4.54
C2 PEP I . 19.77 -14.65 6.75
C3 PEP I . 18.74 -14.93 7.55
O2 PEP I . 20.75 -15.50 6.75
P PEP I . 21.42 -16.59 7.50
O1P PEP I . 21.70 -17.61 6.50
O2P PEP I . 20.55 -16.93 8.68
O3P PEP I . 22.75 -16.02 7.94
#